data_9RS8
#
_entry.id   9RS8
#
_cell.length_a   1.00
_cell.length_b   1.00
_cell.length_c   1.00
_cell.angle_alpha   90.00
_cell.angle_beta   90.00
_cell.angle_gamma   90.00
#
_symmetry.space_group_name_H-M   'P 1'
#
loop_
_entity.id
_entity.type
_entity.pdbx_description
1 polymer 'Protein fuzzy homolog'
2 polymer 'Protein inturned'
#
loop_
_entity_poly.entity_id
_entity_poly.type
_entity_poly.pdbx_seq_one_letter_code
_entity_poly.pdbx_strand_id
1 'polypeptide(L)'
;VGEEGTGGTVHLLCLAASSGVPLFCRSSRGGAPARQQLPFSVIGSLNGVHMFGQNLEVQLSSARTENTTVVWKSFHDSIT
LIVLSSEVGISELRLERLLQMVFGAMVLLVGLEELTNIRNVERLKKDLRASYCLIDSFLGDSELIGDLTQCVDCVIPPEG
SLLQEALSGFAEAAGTTFVSLVVSGRVVAATEGWWRLGTPEAVLLPWLVGSLPPQTARDYPVYLPHGSPTVPHRLLTLTL
LPSLELCLLCGPSPPLSQLYPQLLERWWQPLLDPLRACLPLGPRALPSGFPLHTDILGLLLLHLELKRCLFTVEPLGDKE
PSPEQRRRLLRNFYTLVTSTHFPPEPGPPEKTEDEVYQAQLPRACYLVLGTEEPGTGVRLVALQLGLRRLLLLLSPQSPT
HGLRSLATHTLHALTPLL
;
A
2 'polypeptide(L)'
;MDYKDDDDKGVPRIPMASVASCDSRPSSDELPGDPSSQEEDEDYDFEDRVSDSGSYSSASSDYDDLEPEWLDSVQKNGEL
FYLELSEDEEESLLPETPTVNHVRFSENEIIIEDDYKERKKYEPKLKQFTKILRRKRLLPKRCNKKNSNDNGPVSILKHQ
SNQKTGVIVQQRYKDVNVYVNPKKLTVIKAKEQLKLLEVLVGIIHQTKWSWRRTGKQGDGERLVVHGLLPGGSAMKSGQV
LIGDVLVAVNDVDVTTENIERVLSCIPGPMQVKLTFENAYDVKRETSHPRQKKTQSNTSDLVKLLWGEEVEGIQQSGLNT
PHIIMYLTLQLDSETSKEEQEILYHYPMSEASQKLKSVRGIFLTLCDMLENVTGTQVTSSSLLLNGKQIHVAYWKESDKL
LLIGLPAEEVPLPRLRNMIENVIQTLKFMYGSLDSAFCQIENVPRLDHFFNLFFQRALQPAKLHSSASPSAQQYDASSAV
LLDNLPGVRWLTLPLEIKMELDMALSDLEAADFAELSEDYYDMRRLYTILGSSLFYKGYLICSHLPKDDLIDIAVYCRHY
CLLPLAAKQRIGQLIIWREVFPQHHLRPLADSSTEVFPEPEGRYFLLVVGLKHYMLCVLLEAGGCASKAIGSPGPDCVYV
DQVKTTLHQLDGVDSRIDERLASSPVPCLSCADWFLTGSREKTDSLTTSPILSRLQGTSKVATSPTCRRTLFGDYSLKTR
KPSPSCSSGGSDNGCEGGEDDGFSPHTTPDAVRKQRESQGSDGLEESGTLLKVTKKKSTLPNPFHLGNLKKDLPEKELEI
YNTVKLTSGPENTLFHYVALETVQGIFITPTLEEVAQLSGSIHPQLIKNFHQCCLSIRAVFQQTLVEEKKKGLNSGDHSD
SAKSVSSLNPVKEHGVLFECSPGNWTDQKKAPPVMAYWVVGRLFLHPKPQELYVCFHDSVTEIAIEIAFKLFFGLTL
;
B
#
# COMPACT_ATOMS: atom_id res chain seq x y z
N GLY A 8 7.70 3.55 -15.42
CA GLY A 8 7.83 4.95 -15.06
C GLY A 8 7.07 5.88 -16.00
N THR A 9 5.94 5.40 -16.50
CA THR A 9 5.10 6.15 -17.43
C THR A 9 3.83 6.60 -16.72
N VAL A 10 3.51 7.87 -16.85
CA VAL A 10 2.32 8.45 -16.25
C VAL A 10 1.54 9.18 -17.33
N HIS A 11 0.25 8.87 -17.45
CA HIS A 11 -0.64 9.50 -18.41
C HIS A 11 -1.75 10.19 -17.63
N LEU A 12 -1.72 11.51 -17.57
CA LEU A 12 -2.72 12.28 -16.85
C LEU A 12 -3.80 12.75 -17.80
N LEU A 13 -5.03 12.82 -17.29
CA LEU A 13 -6.19 13.19 -18.10
C LEU A 13 -7.10 14.09 -17.30
N CYS A 14 -7.56 15.17 -17.92
CA CYS A 14 -8.58 16.02 -17.32
C CYS A 14 -9.74 16.12 -18.29
N LEU A 15 -10.95 16.01 -17.74
CA LEU A 15 -12.18 15.76 -18.47
C LEU A 15 -13.28 16.67 -17.95
N ALA A 16 -14.18 17.06 -18.85
CA ALA A 16 -15.38 17.79 -18.47
C ALA A 16 -16.37 16.80 -17.86
N ALA A 17 -16.59 16.92 -16.56
CA ALA A 17 -17.38 15.92 -15.83
C ALA A 17 -18.80 15.82 -16.36
N SER A 18 -19.59 16.90 -16.20
CA SER A 18 -20.97 16.86 -16.65
C SER A 18 -21.05 16.80 -18.17
N SER A 19 -20.17 17.52 -18.86
CA SER A 19 -20.21 17.57 -20.32
C SER A 19 -19.70 16.30 -20.98
N GLY A 20 -18.79 15.57 -20.33
CA GLY A 20 -18.25 14.36 -20.94
C GLY A 20 -17.41 14.61 -22.17
N VAL A 21 -16.59 15.64 -22.15
CA VAL A 21 -15.71 15.97 -23.27
C VAL A 21 -14.28 16.08 -22.74
N PRO A 22 -13.29 15.50 -23.42
CA PRO A 22 -11.91 15.58 -22.93
C PRO A 22 -11.44 17.03 -22.87
N LEU A 23 -10.69 17.35 -21.81
CA LEU A 23 -10.06 18.65 -21.69
C LEU A 23 -8.59 18.60 -22.09
N PHE A 24 -7.80 17.74 -21.47
CA PHE A 24 -6.44 17.52 -21.95
C PHE A 24 -5.92 16.18 -21.46
N CYS A 25 -4.82 15.75 -22.07
CA CYS A 25 -4.23 14.43 -21.83
C CYS A 25 -2.72 14.55 -21.64
N ARG A 26 -2.31 15.47 -20.77
CA ARG A 26 -0.89 15.64 -20.48
C ARG A 26 -0.30 14.32 -19.99
N SER A 27 0.82 13.93 -20.59
CA SER A 27 1.43 12.63 -20.30
C SER A 27 2.92 12.80 -20.08
N SER A 28 3.47 11.96 -19.21
CA SER A 28 4.90 11.94 -18.92
C SER A 28 5.46 10.53 -19.08
N ARG A 29 5.08 9.87 -20.17
CA ARG A 29 5.59 8.53 -20.44
C ARG A 29 7.07 8.58 -20.78
N GLY A 30 7.86 7.78 -20.07
CA GLY A 30 9.30 7.74 -20.29
C GLY A 30 9.95 9.09 -20.10
N GLY A 31 9.61 9.77 -19.01
CA GLY A 31 10.03 11.14 -18.79
C GLY A 31 8.99 12.14 -19.27
N ALA A 32 9.25 13.40 -18.96
CA ALA A 32 8.31 14.47 -19.28
C ALA A 32 7.87 14.50 -20.74
N PRO A 33 8.76 14.38 -21.74
CA PRO A 33 8.28 14.33 -23.13
C PRO A 33 7.44 13.08 -23.37
N ALA A 34 6.24 13.28 -23.91
CA ALA A 34 5.34 12.17 -24.21
C ALA A 34 4.31 12.58 -25.25
N LEU A 38 -3.31 9.22 -27.05
CA LEU A 38 -4.27 8.28 -26.46
C LEU A 38 -5.55 8.23 -27.29
N PRO A 39 -6.08 7.02 -27.48
CA PRO A 39 -7.31 6.87 -28.27
C PRO A 39 -8.48 7.63 -27.65
N PHE A 40 -9.33 8.17 -28.52
CA PHE A 40 -10.54 8.82 -28.05
C PHE A 40 -11.53 7.83 -27.43
N SER A 41 -11.61 6.63 -28.02
CA SER A 41 -12.54 5.63 -27.51
C SER A 41 -12.21 5.22 -26.08
N VAL A 42 -10.92 5.06 -25.78
CA VAL A 42 -10.55 4.61 -24.44
C VAL A 42 -10.84 5.68 -23.40
N ILE A 43 -10.53 6.95 -23.70
CA ILE A 43 -10.79 8.00 -22.73
C ILE A 43 -12.29 8.17 -22.53
N GLY A 44 -13.05 8.02 -23.61
CA GLY A 44 -14.50 7.97 -23.47
C GLY A 44 -14.95 6.83 -22.59
N SER A 45 -14.26 5.69 -22.68
CA SER A 45 -14.63 4.52 -21.87
C SER A 45 -14.39 4.78 -20.38
N LEU A 46 -13.22 5.32 -20.03
CA LEU A 46 -13.00 5.65 -18.62
C LEU A 46 -13.93 6.75 -18.13
N ASN A 47 -14.24 7.73 -18.98
CA ASN A 47 -15.25 8.71 -18.60
C ASN A 47 -16.60 8.03 -18.34
N GLY A 48 -16.96 7.07 -19.18
CA GLY A 48 -18.23 6.38 -19.01
C GLY A 48 -18.28 5.57 -17.72
N VAL A 49 -17.19 4.88 -17.40
CA VAL A 49 -17.19 4.09 -16.17
C VAL A 49 -17.21 5.01 -14.95
N HIS A 50 -16.51 6.15 -15.02
CA HIS A 50 -16.57 7.10 -13.92
C HIS A 50 -17.97 7.65 -13.74
N MET A 51 -18.64 8.00 -14.85
CA MET A 51 -20.00 8.54 -14.73
C MET A 51 -20.96 7.49 -14.24
N PHE A 52 -20.79 6.23 -14.67
CA PHE A 52 -21.65 5.16 -14.18
C PHE A 52 -21.47 4.98 -12.68
N GLY A 53 -20.23 5.07 -12.20
CA GLY A 53 -20.02 5.06 -10.76
C GLY A 53 -20.70 6.23 -10.07
N GLN A 54 -20.62 7.42 -10.68
CA GLN A 54 -21.20 8.60 -10.05
C GLN A 54 -22.72 8.49 -9.93
N ASN A 55 -23.39 8.02 -10.99
CA ASN A 55 -24.84 7.87 -10.92
C ASN A 55 -25.24 6.85 -9.86
N LEU A 56 -24.49 5.76 -9.75
CA LEU A 56 -24.78 4.75 -8.74
C LEU A 56 -24.27 5.14 -7.36
N GLU A 57 -23.89 6.40 -7.17
CA GLU A 57 -23.45 6.92 -5.87
C GLU A 57 -22.29 6.10 -5.30
N VAL A 58 -21.39 5.66 -6.17
CA VAL A 58 -20.21 4.92 -5.76
C VAL A 58 -19.00 5.56 -6.44
N GLN A 59 -18.06 6.03 -5.62
CA GLN A 59 -16.87 6.66 -6.15
C GLN A 59 -15.92 5.61 -6.72
N LEU A 60 -15.01 6.07 -7.58
CA LEU A 60 -13.97 5.22 -8.17
C LEU A 60 -12.62 5.74 -7.71
N SER A 61 -12.18 5.30 -6.54
CA SER A 61 -10.92 5.80 -6.00
C SER A 61 -9.73 5.23 -6.77
N SER A 62 -9.73 3.93 -7.03
CA SER A 62 -8.62 3.33 -7.75
C SER A 62 -9.06 2.03 -8.39
N ALA A 63 -8.38 1.67 -9.48
CA ALA A 63 -8.61 0.42 -10.18
C ALA A 63 -7.27 -0.21 -10.57
N ARG A 64 -6.37 -0.30 -9.60
CA ARG A 64 -4.99 -0.72 -9.88
C ARG A 64 -4.94 -2.08 -10.55
N THR A 65 -4.15 -2.17 -11.62
CA THR A 65 -3.86 -3.42 -12.29
C THR A 65 -2.46 -3.90 -11.90
N GLU A 66 -2.04 -5.02 -12.49
CA GLU A 66 -0.73 -5.56 -12.16
C GLU A 66 0.40 -4.65 -12.65
N ASN A 67 0.25 -4.07 -13.84
CA ASN A 67 1.28 -3.25 -14.43
C ASN A 67 1.02 -1.76 -14.27
N THR A 68 -0.23 -1.33 -14.32
CA THR A 68 -0.59 0.08 -14.16
C THR A 68 -1.32 0.31 -12.85
N THR A 69 -1.75 1.55 -12.65
CA THR A 69 -2.58 1.93 -11.51
C THR A 69 -3.30 3.22 -11.87
N VAL A 70 -4.59 3.28 -11.61
CA VAL A 70 -5.39 4.44 -12.00
C VAL A 70 -6.13 4.99 -10.78
N VAL A 71 -6.38 6.29 -10.82
CA VAL A 71 -7.12 6.96 -9.75
C VAL A 71 -8.00 8.04 -10.36
N TRP A 72 -9.31 7.92 -10.16
CA TRP A 72 -10.23 8.97 -10.57
C TRP A 72 -10.39 9.99 -9.45
N LYS A 73 -10.78 11.20 -9.85
CA LYS A 73 -11.09 12.24 -8.88
C LYS A 73 -12.11 13.19 -9.50
N SER A 74 -13.33 13.18 -8.98
CA SER A 74 -14.38 14.08 -9.44
C SER A 74 -14.33 15.31 -8.54
N PHE A 75 -13.83 16.42 -9.08
CA PHE A 75 -13.66 17.65 -8.32
C PHE A 75 -14.84 18.58 -8.59
N HIS A 76 -15.52 18.97 -7.52
CA HIS A 76 -16.67 19.89 -7.55
C HIS A 76 -17.74 19.43 -8.53
N ASP A 77 -17.83 18.12 -8.76
CA ASP A 77 -18.81 17.53 -9.69
C ASP A 77 -18.77 18.23 -11.05
N SER A 78 -17.64 18.85 -11.36
CA SER A 78 -17.52 19.66 -12.57
C SER A 78 -16.31 19.25 -13.39
N ILE A 79 -15.26 18.79 -12.73
CA ILE A 79 -14.07 18.34 -13.46
C ILE A 79 -13.76 16.91 -13.05
N THR A 80 -13.15 16.17 -13.99
CA THR A 80 -12.83 14.77 -13.77
C THR A 80 -11.34 14.57 -14.04
N LEU A 81 -10.66 13.89 -13.13
CA LEU A 81 -9.22 13.69 -13.24
C LEU A 81 -8.91 12.20 -13.25
N ILE A 82 -8.08 11.78 -14.20
CA ILE A 82 -7.66 10.39 -14.35
C ILE A 82 -6.15 10.37 -14.39
N VAL A 83 -5.57 9.32 -13.82
CA VAL A 83 -4.14 9.05 -13.96
C VAL A 83 -3.95 7.60 -14.35
N LEU A 84 -3.00 7.35 -15.25
CA LEU A 84 -2.59 6.02 -15.67
C LEU A 84 -1.11 5.94 -15.35
N SER A 85 -0.77 5.47 -14.15
CA SER A 85 0.60 5.42 -13.69
C SER A 85 1.09 3.99 -13.79
N SER A 86 1.98 3.73 -14.75
CA SER A 86 2.65 2.45 -14.84
C SER A 86 3.92 2.39 -13.99
N GLU A 87 4.05 3.31 -13.04
CA GLU A 87 5.26 3.38 -12.23
C GLU A 87 5.40 2.14 -11.36
N VAL A 88 6.60 1.58 -11.32
CA VAL A 88 6.89 0.44 -10.46
C VAL A 88 6.85 0.89 -9.01
N GLY A 89 6.15 0.13 -8.17
CA GLY A 89 6.00 0.50 -6.77
C GLY A 89 5.23 1.78 -6.56
N ILE A 90 4.25 2.06 -7.42
CA ILE A 90 3.42 3.25 -7.26
C ILE A 90 2.43 3.00 -6.13
N SER A 91 2.16 4.06 -5.35
CA SER A 91 1.27 3.96 -4.21
C SER A 91 0.04 4.84 -4.42
N GLU A 92 -1.04 4.48 -3.72
CA GLU A 92 -2.27 5.23 -3.84
C GLU A 92 -2.13 6.64 -3.31
N LEU A 93 -1.39 6.81 -2.20
CA LEU A 93 -1.26 8.14 -1.61
C LEU A 93 -0.54 9.10 -2.53
N ARG A 94 0.49 8.63 -3.24
CA ARG A 94 1.19 9.50 -4.17
C ARG A 94 0.24 9.99 -5.26
N LEU A 95 -0.58 9.09 -5.80
CA LEU A 95 -1.51 9.49 -6.84
C LEU A 95 -2.58 10.43 -6.31
N GLU A 96 -3.08 10.17 -5.10
CA GLU A 96 -4.08 11.06 -4.53
C GLU A 96 -3.53 12.45 -4.32
N ARG A 97 -2.32 12.55 -3.77
CA ARG A 97 -1.68 13.85 -3.63
C ARG A 97 -1.47 14.51 -4.98
N LEU A 98 -1.07 13.73 -5.99
CA LEU A 98 -0.84 14.29 -7.30
C LEU A 98 -2.11 14.88 -7.89
N LEU A 99 -3.23 14.15 -7.80
CA LEU A 99 -4.48 14.69 -8.33
C LEU A 99 -4.94 15.92 -7.55
N GLN A 100 -4.88 15.86 -6.21
CA GLN A 100 -5.29 17.02 -5.43
C GLN A 100 -4.47 18.24 -5.79
N MET A 101 -3.16 18.07 -5.92
CA MET A 101 -2.29 19.20 -6.16
C MET A 101 -2.37 19.67 -7.61
N VAL A 102 -2.66 18.78 -8.56
CA VAL A 102 -2.83 19.23 -9.93
C VAL A 102 -4.16 19.98 -10.08
N PHE A 103 -5.18 19.59 -9.32
CA PHE A 103 -6.38 20.41 -9.31
C PHE A 103 -6.13 21.75 -8.66
N GLY A 104 -5.30 21.77 -7.62
CA GLY A 104 -4.87 23.05 -7.07
C GLY A 104 -4.17 23.91 -8.10
N ALA A 105 -3.32 23.30 -8.92
CA ALA A 105 -2.65 24.04 -9.99
C ALA A 105 -3.66 24.58 -11.01
N MET A 106 -4.63 23.76 -11.40
CA MET A 106 -5.64 24.21 -12.33
C MET A 106 -6.45 25.37 -11.77
N VAL A 107 -6.76 25.31 -10.47
CA VAL A 107 -7.44 26.42 -9.81
C VAL A 107 -6.56 27.66 -9.84
N LEU A 108 -5.26 27.49 -9.56
CA LEU A 108 -4.35 28.61 -9.54
C LEU A 108 -4.29 29.30 -10.90
N LEU A 109 -4.24 28.51 -11.98
CA LEU A 109 -4.10 29.09 -13.31
C LEU A 109 -5.40 29.67 -13.85
N VAL A 110 -6.55 29.21 -13.37
CA VAL A 110 -7.83 29.68 -13.91
C VAL A 110 -8.70 30.25 -12.81
N GLY A 111 -8.97 29.46 -11.79
CA GLY A 111 -9.81 29.89 -10.68
C GLY A 111 -11.05 29.01 -10.55
N LEU A 112 -11.81 29.29 -9.49
CA LEU A 112 -13.05 28.57 -9.25
C LEU A 112 -14.02 28.75 -10.41
N GLU A 113 -14.23 30.00 -10.83
CA GLU A 113 -15.06 30.26 -12.00
C GLU A 113 -14.34 29.74 -13.24
N GLU A 114 -15.14 29.42 -14.26
CA GLU A 114 -14.71 28.74 -15.49
C GLU A 114 -14.22 27.33 -15.22
N LEU A 115 -14.21 26.90 -13.96
CA LEU A 115 -13.89 25.53 -13.58
C LEU A 115 -15.11 24.77 -13.09
N THR A 116 -15.91 25.40 -12.23
CA THR A 116 -17.20 24.88 -11.82
C THR A 116 -18.29 25.71 -12.50
N ASN A 117 -19.54 25.23 -12.38
CA ASN A 117 -20.69 25.94 -12.93
C ASN A 117 -20.56 26.12 -14.44
N ILE A 118 -20.19 27.34 -14.87
CA ILE A 118 -20.13 27.64 -16.29
C ILE A 118 -19.09 26.78 -16.96
N ARG A 119 -19.47 26.15 -18.07
CA ARG A 119 -18.60 25.24 -18.81
C ARG A 119 -18.30 25.85 -20.17
N ASN A 120 -17.02 26.18 -20.40
CA ASN A 120 -16.58 26.68 -21.69
C ASN A 120 -16.24 25.50 -22.59
N VAL A 121 -17.00 25.35 -23.68
CA VAL A 121 -16.80 24.21 -24.57
C VAL A 121 -15.41 24.25 -25.19
N GLU A 122 -14.99 25.40 -25.68
CA GLU A 122 -13.72 25.49 -26.39
C GLU A 122 -12.82 26.59 -25.86
N ARG A 123 -13.38 27.61 -25.21
CA ARG A 123 -12.54 28.63 -24.60
C ARG A 123 -11.69 28.04 -23.47
N LEU A 124 -12.29 27.16 -22.65
CA LEU A 124 -11.56 26.55 -21.56
C LEU A 124 -10.31 25.85 -22.04
N LYS A 125 -10.33 25.34 -23.27
CA LYS A 125 -9.09 24.86 -23.88
C LYS A 125 -8.03 25.96 -23.89
N LYS A 126 -8.44 27.16 -24.30
CA LYS A 126 -7.49 28.27 -24.40
C LYS A 126 -6.97 28.68 -23.03
N ASP A 127 -7.85 28.76 -22.02
CA ASP A 127 -7.36 29.09 -20.69
C ASP A 127 -6.43 28.01 -20.15
N LEU A 128 -6.76 26.75 -20.36
CA LEU A 128 -5.94 25.66 -19.84
C LEU A 128 -4.65 25.46 -20.63
N ARG A 129 -4.54 26.07 -21.82
CA ARG A 129 -3.30 25.96 -22.58
C ARG A 129 -2.09 26.42 -21.76
N ALA A 130 -2.28 27.44 -20.92
CA ALA A 130 -1.17 27.96 -20.14
C ALA A 130 -0.81 27.02 -18.99
N SER A 131 -1.76 26.20 -18.53
CA SER A 131 -1.51 25.36 -17.37
C SER A 131 -0.60 24.17 -17.69
N TYR A 132 -0.42 23.86 -18.98
CA TYR A 132 0.27 22.63 -19.36
C TYR A 132 1.69 22.59 -18.84
N CYS A 133 2.38 23.73 -18.83
CA CYS A 133 3.75 23.76 -18.35
C CYS A 133 3.83 23.36 -16.88
N LEU A 134 2.95 23.93 -16.05
CA LEU A 134 2.93 23.55 -14.64
C LEU A 134 2.55 22.09 -14.48
N ILE A 135 1.59 21.61 -15.26
CA ILE A 135 1.13 20.23 -15.10
C ILE A 135 2.25 19.25 -15.43
N ASP A 136 2.94 19.46 -16.55
CA ASP A 136 3.99 18.50 -16.91
C ASP A 136 5.25 18.71 -16.10
N SER A 137 5.44 19.87 -15.48
CA SER A 137 6.46 19.98 -14.44
C SER A 137 6.09 19.12 -13.24
N PHE A 138 4.80 19.10 -12.87
CA PHE A 138 4.34 18.25 -11.79
C PHE A 138 4.56 16.79 -12.10
N LEU A 139 4.23 16.36 -13.34
CA LEU A 139 4.35 14.95 -13.68
C LEU A 139 5.79 14.48 -13.65
N GLY A 140 6.72 15.30 -14.15
CA GLY A 140 8.11 14.89 -14.21
C GLY A 140 8.73 14.78 -12.83
N ASP A 141 9.82 14.01 -12.77
CA ASP A 141 10.54 13.81 -11.52
C ASP A 141 11.32 15.08 -11.21
N SER A 142 10.65 16.03 -10.56
CA SER A 142 11.30 17.28 -10.20
C SER A 142 12.20 17.07 -8.99
N GLU A 143 12.87 18.14 -8.57
CA GLU A 143 13.81 18.09 -7.47
C GLU A 143 13.16 18.44 -6.13
N LEU A 144 11.86 18.66 -6.10
CA LEU A 144 11.14 19.03 -4.90
C LEU A 144 10.19 17.91 -4.48
N ILE A 145 9.76 17.95 -3.23
CA ILE A 145 8.81 16.98 -2.71
C ILE A 145 7.48 17.60 -2.31
N GLY A 146 7.33 18.92 -2.42
CA GLY A 146 6.08 19.54 -2.01
C GLY A 146 4.87 18.93 -2.69
N ASP A 147 5.04 18.39 -3.89
CA ASP A 147 3.93 17.75 -4.59
C ASP A 147 3.51 16.46 -3.89
N LEU A 148 4.40 15.81 -3.15
CA LEU A 148 4.05 14.60 -2.43
C LEU A 148 3.60 14.90 -0.99
N THR A 149 4.45 15.53 -0.21
CA THR A 149 4.23 15.66 1.22
C THR A 149 3.27 16.78 1.58
N GLN A 150 2.79 17.55 0.60
CA GLN A 150 1.93 18.70 0.82
C GLN A 150 2.57 19.78 1.67
N CYS A 151 3.85 19.62 2.00
CA CYS A 151 4.59 20.60 2.79
C CYS A 151 5.47 21.42 1.89
N VAL A 152 5.56 22.72 2.18
CA VAL A 152 6.34 23.61 1.33
C VAL A 152 7.82 23.29 1.48
N ASP A 153 8.52 23.20 0.36
CA ASP A 153 9.95 22.91 0.38
C ASP A 153 10.71 24.14 0.83
N CYS A 154 11.51 23.98 1.87
CA CYS A 154 12.23 25.10 2.47
C CYS A 154 13.72 24.78 2.50
N VAL A 155 14.52 25.84 2.61
CA VAL A 155 15.96 25.74 2.77
C VAL A 155 16.35 26.61 3.96
N ILE A 156 17.12 26.04 4.87
CA ILE A 156 17.51 26.81 6.07
C ILE A 156 18.40 27.97 5.65
N PRO A 157 18.09 29.19 6.07
CA PRO A 157 18.96 30.33 5.73
C PRO A 157 20.30 30.21 6.44
N PRO A 158 21.34 30.84 5.90
CA PRO A 158 22.67 30.71 6.51
C PRO A 158 22.79 31.45 7.84
N GLU A 159 21.92 31.09 8.80
CA GLU A 159 21.97 31.64 10.16
C GLU A 159 21.88 33.16 10.16
N GLY A 160 21.06 33.71 9.26
CA GLY A 160 20.93 35.15 9.17
C GLY A 160 19.52 35.66 9.37
N SER A 161 19.27 36.35 10.48
CA SER A 161 18.00 37.02 10.69
C SER A 161 17.91 38.32 9.90
N LEU A 162 19.04 38.87 9.47
CA LEU A 162 19.01 40.06 8.63
C LEU A 162 18.27 39.81 7.34
N LEU A 163 18.26 38.56 6.85
CA LEU A 163 17.48 38.24 5.67
C LEU A 163 16.00 38.43 5.94
N GLN A 164 15.50 37.93 7.07
CA GLN A 164 14.10 38.14 7.42
C GLN A 164 13.79 39.61 7.63
N GLU A 165 14.71 40.34 8.27
CA GLU A 165 14.48 41.77 8.49
C GLU A 165 14.40 42.52 7.17
N ALA A 166 15.29 42.21 6.23
CA ALA A 166 15.25 42.87 4.93
C ALA A 166 14.01 42.45 4.13
N LEU A 167 13.57 41.20 4.27
CA LEU A 167 12.33 40.78 3.63
C LEU A 167 11.15 41.57 4.17
N SER A 168 11.10 41.76 5.49
CA SER A 168 10.03 42.55 6.09
C SER A 168 10.08 44.00 5.62
N GLY A 169 11.29 44.57 5.54
CA GLY A 169 11.43 45.93 5.04
C GLY A 169 10.97 46.06 3.61
N PHE A 170 11.32 45.08 2.77
CA PHE A 170 10.86 45.08 1.38
C PHE A 170 9.34 44.97 1.32
N ALA A 171 8.75 44.14 2.18
CA ALA A 171 7.30 44.00 2.21
C ALA A 171 6.64 45.32 2.60
N GLU A 172 7.19 46.01 3.59
CA GLU A 172 6.64 47.30 3.99
C GLU A 172 6.78 48.33 2.88
N ALA A 173 7.94 48.35 2.21
CA ALA A 173 8.16 49.33 1.15
C ALA A 173 7.21 49.08 -0.03
N ALA A 174 7.02 47.82 -0.40
CA ALA A 174 6.13 47.49 -1.51
C ALA A 174 4.67 47.49 -1.12
N GLY A 175 4.35 47.64 0.17
CA GLY A 175 2.96 47.64 0.59
C GLY A 175 2.25 46.33 0.33
N THR A 176 2.90 45.20 0.60
CA THR A 176 2.33 43.89 0.35
C THR A 176 2.80 42.93 1.43
N THR A 177 1.85 42.19 2.00
CA THR A 177 2.16 41.24 3.07
C THR A 177 2.56 39.87 2.55
N PHE A 178 2.57 39.66 1.24
CA PHE A 178 2.95 38.38 0.64
C PHE A 178 4.19 38.61 -0.21
N VAL A 179 5.35 38.52 0.42
CA VAL A 179 6.64 38.65 -0.27
C VAL A 179 7.56 37.57 0.24
N SER A 180 8.21 36.85 -0.68
CA SER A 180 9.02 35.70 -0.28
C SER A 180 10.19 35.52 -1.24
N LEU A 181 11.35 35.24 -0.67
CA LEU A 181 12.54 34.90 -1.45
C LEU A 181 12.60 33.38 -1.60
N VAL A 182 12.56 32.92 -2.85
CA VAL A 182 12.51 31.51 -3.20
C VAL A 182 13.71 31.20 -4.09
N VAL A 183 14.31 30.03 -3.89
CA VAL A 183 15.45 29.61 -4.69
C VAL A 183 15.15 28.25 -5.32
N SER A 184 15.40 28.14 -6.62
CA SER A 184 15.27 26.89 -7.37
C SER A 184 13.92 26.22 -7.11
N GLY A 185 12.91 27.00 -6.74
CA GLY A 185 11.64 26.46 -6.34
C GLY A 185 11.50 26.21 -4.86
N ARG A 186 12.56 26.36 -4.08
CA ARG A 186 12.51 26.17 -2.63
C ARG A 186 12.57 27.52 -1.94
N VAL A 187 11.63 27.75 -1.04
CA VAL A 187 11.55 29.04 -0.35
C VAL A 187 12.59 29.09 0.76
N VAL A 188 13.39 30.16 0.77
CA VAL A 188 14.33 30.40 1.85
C VAL A 188 13.87 31.49 2.79
N ALA A 189 13.03 32.41 2.35
CA ALA A 189 12.49 33.43 3.24
C ALA A 189 11.07 33.76 2.80
N ALA A 190 10.23 34.14 3.76
CA ALA A 190 8.86 34.47 3.44
C ALA A 190 8.29 35.36 4.52
N THR A 191 7.26 36.12 4.14
CA THR A 191 6.49 36.87 5.12
C THR A 191 5.63 35.93 5.95
N GLU A 192 5.28 36.40 7.15
CA GLU A 192 4.41 35.61 8.01
C GLU A 192 3.09 35.31 7.32
N GLY A 193 2.57 36.25 6.53
CA GLY A 193 1.41 35.98 5.72
C GLY A 193 1.65 34.90 4.70
N TRP A 194 2.84 34.90 4.09
CA TRP A 194 3.18 33.84 3.15
C TRP A 194 3.23 32.49 3.85
N TRP A 195 3.81 32.44 5.06
CA TRP A 195 3.84 31.19 5.79
C TRP A 195 2.44 30.72 6.14
N ARG A 196 1.58 31.63 6.59
CA ARG A 196 0.20 31.27 6.93
C ARG A 196 -0.66 30.99 5.71
N LEU A 197 -0.15 31.29 4.52
CA LEU A 197 -0.91 31.06 3.30
C LEU A 197 -1.15 29.56 3.08
N GLY A 198 -2.28 29.25 2.45
CA GLY A 198 -2.77 27.87 2.47
C GLY A 198 -1.81 26.89 1.83
N THR A 199 -1.84 25.66 2.34
CA THR A 199 -0.83 24.67 1.98
C THR A 199 -0.81 24.31 0.49
N PRO A 200 -1.94 24.05 -0.19
CA PRO A 200 -1.82 23.69 -1.62
C PRO A 200 -1.19 24.80 -2.44
N GLU A 201 -1.66 26.03 -2.30
CA GLU A 201 -1.01 27.14 -2.99
C GLU A 201 0.38 27.42 -2.43
N ALA A 202 0.62 27.10 -1.17
CA ALA A 202 1.96 27.27 -0.60
C ALA A 202 2.98 26.40 -1.33
N VAL A 203 2.58 25.16 -1.65
CA VAL A 203 3.44 24.32 -2.48
C VAL A 203 3.46 24.83 -3.92
N LEU A 204 2.30 25.27 -4.42
CA LEU A 204 2.17 25.58 -5.83
C LEU A 204 3.06 26.76 -6.23
N LEU A 205 2.98 27.87 -5.49
CA LEU A 205 3.59 29.11 -5.96
C LEU A 205 5.09 29.00 -6.20
N PRO A 206 5.90 28.53 -5.24
CA PRO A 206 7.32 28.32 -5.57
C PRO A 206 7.52 27.31 -6.69
N TRP A 207 6.67 26.28 -6.74
CA TRP A 207 6.78 25.30 -7.80
C TRP A 207 6.50 25.92 -9.16
N LEU A 208 5.47 26.77 -9.24
CA LEU A 208 5.19 27.45 -10.50
C LEU A 208 6.34 28.37 -10.87
N VAL A 209 6.90 29.08 -9.89
CA VAL A 209 8.00 29.99 -10.17
C VAL A 209 9.19 29.22 -10.72
N GLY A 210 9.54 28.09 -10.10
CA GLY A 210 10.62 27.28 -10.60
C GLY A 210 10.34 26.73 -11.99
N SER A 211 9.10 26.31 -12.24
CA SER A 211 8.75 25.76 -13.54
C SER A 211 8.80 26.82 -14.63
N LEU A 212 8.54 28.08 -14.29
CA LEU A 212 8.53 29.12 -15.28
C LEU A 212 9.95 29.38 -15.80
N PRO A 213 10.10 29.70 -17.09
CA PRO A 213 11.41 30.05 -17.60
C PRO A 213 11.92 31.34 -16.97
N PRO A 214 13.23 31.48 -16.80
CA PRO A 214 13.76 32.68 -16.13
C PRO A 214 13.62 33.91 -17.02
N GLN A 215 12.95 34.93 -16.49
CA GLN A 215 12.82 36.22 -17.15
C GLN A 215 13.30 37.30 -16.20
N THR A 216 13.42 38.52 -16.72
CA THR A 216 13.84 39.64 -15.88
C THR A 216 12.84 39.91 -14.77
N ALA A 217 11.56 40.04 -15.14
CA ALA A 217 10.49 40.22 -14.18
C ALA A 217 9.19 39.77 -14.84
N ARG A 218 8.37 39.04 -14.08
CA ARG A 218 7.16 38.45 -14.62
C ARG A 218 5.95 38.83 -13.77
N ASP A 219 4.86 39.18 -14.43
CA ASP A 219 3.59 39.47 -13.77
C ASP A 219 2.55 38.49 -14.28
N TYR A 220 2.01 37.66 -13.39
CA TYR A 220 1.05 36.66 -13.80
C TYR A 220 -0.15 36.64 -12.88
N PRO A 221 -1.33 36.34 -13.42
CA PRO A 221 -2.52 36.21 -12.56
C PRO A 221 -2.61 34.83 -11.93
N VAL A 222 -2.95 34.81 -10.65
CA VAL A 222 -3.11 33.58 -9.89
C VAL A 222 -4.36 33.68 -9.05
N TYR A 223 -5.07 32.57 -8.91
CA TYR A 223 -6.27 32.46 -8.08
C TYR A 223 -5.98 31.48 -6.97
N LEU A 224 -5.87 31.98 -5.75
CA LEU A 224 -5.44 31.15 -4.63
C LEU A 224 -6.53 30.13 -4.30
N PRO A 225 -6.22 28.83 -4.28
CA PRO A 225 -7.26 27.84 -3.98
C PRO A 225 -7.93 28.04 -2.63
N HIS A 226 -7.20 28.53 -1.63
CA HIS A 226 -7.78 28.84 -0.33
C HIS A 226 -7.83 30.32 -0.02
N GLY A 227 -6.87 31.10 -0.49
CA GLY A 227 -6.86 32.52 -0.25
C GLY A 227 -7.95 33.25 -1.01
N SER A 228 -7.98 33.10 -2.32
CA SER A 228 -8.95 33.80 -3.15
C SER A 228 -9.13 33.09 -4.49
N PRO A 229 -10.00 32.09 -4.57
CA PRO A 229 -10.26 31.44 -5.86
C PRO A 229 -10.99 32.34 -6.84
N THR A 230 -11.68 33.37 -6.35
CA THR A 230 -12.44 34.27 -7.21
C THR A 230 -11.72 35.59 -7.46
N VAL A 231 -10.90 36.05 -6.52
CA VAL A 231 -10.20 37.31 -6.65
C VAL A 231 -8.89 37.04 -7.40
N PRO A 232 -8.69 37.61 -8.59
CA PRO A 232 -7.48 37.32 -9.37
C PRO A 232 -6.25 38.05 -8.84
N HIS A 233 -5.57 37.47 -7.85
CA HIS A 233 -4.36 38.09 -7.33
C HIS A 233 -3.29 38.13 -8.42
N ARG A 234 -2.38 39.09 -8.32
CA ARG A 234 -1.28 39.23 -9.25
C ARG A 234 0.03 38.89 -8.54
N LEU A 235 0.88 38.12 -9.22
CA LEU A 235 2.14 37.67 -8.67
C LEU A 235 3.28 38.20 -9.53
N LEU A 236 4.27 38.78 -8.88
CA LEU A 236 5.42 39.37 -9.53
C LEU A 236 6.67 38.57 -9.15
N THR A 237 7.34 38.04 -10.15
CA THR A 237 8.61 37.34 -9.98
C THR A 237 9.74 38.29 -10.37
N LEU A 238 10.61 38.59 -9.43
CA LEU A 238 11.77 39.46 -9.64
C LEU A 238 13.02 38.59 -9.57
N THR A 239 13.71 38.44 -10.71
CA THR A 239 14.90 37.59 -10.76
C THR A 239 16.12 38.45 -10.46
N LEU A 240 16.51 38.47 -9.19
CA LEU A 240 17.75 39.15 -8.81
C LEU A 240 18.94 38.48 -9.46
N LEU A 241 19.06 37.17 -9.29
CA LEU A 241 20.04 36.33 -9.95
C LEU A 241 19.31 35.09 -10.43
N PRO A 242 19.86 34.39 -11.42
CA PRO A 242 19.22 33.15 -11.87
C PRO A 242 19.08 32.15 -10.73
N SER A 243 17.98 31.41 -10.75
CA SER A 243 17.60 30.37 -9.78
C SER A 243 17.16 30.93 -8.43
N LEU A 244 17.14 32.25 -8.25
CA LEU A 244 16.56 32.85 -7.06
C LEU A 244 15.65 34.00 -7.47
N GLU A 245 14.46 34.04 -6.89
CA GLU A 245 13.44 35.00 -7.27
C GLU A 245 12.76 35.57 -6.04
N LEU A 246 12.21 36.77 -6.21
CA LEU A 246 11.33 37.40 -5.24
C LEU A 246 9.90 37.25 -5.73
N CYS A 247 9.05 36.69 -4.88
CA CYS A 247 7.62 36.54 -5.15
C CYS A 247 6.89 37.66 -4.42
N LEU A 248 6.20 38.50 -5.18
CA LEU A 248 5.44 39.62 -4.66
C LEU A 248 3.98 39.39 -5.04
N LEU A 249 3.15 38.99 -4.08
CA LEU A 249 1.79 38.55 -4.35
C LEU A 249 0.83 39.57 -3.75
N CYS A 250 0.11 40.29 -4.61
CA CYS A 250 -0.79 41.34 -4.13
C CYS A 250 -2.10 41.31 -4.92
N GLY A 251 -3.15 41.80 -4.30
CA GLY A 251 -4.46 41.86 -4.93
C GLY A 251 -4.50 42.81 -6.12
N LEU A 259 3.87 48.73 -9.09
CA LEU A 259 3.89 47.80 -10.20
C LEU A 259 5.29 47.71 -10.80
N TYR A 260 6.07 48.78 -10.60
CA TYR A 260 7.46 48.82 -11.04
C TYR A 260 8.32 49.20 -9.84
N PRO A 261 8.61 48.23 -8.96
CA PRO A 261 9.38 48.55 -7.74
C PRO A 261 10.88 48.56 -8.01
N GLN A 262 11.53 49.62 -7.52
CA GLN A 262 12.98 49.72 -7.53
C GLN A 262 13.62 49.18 -6.26
N LEU A 263 12.81 48.77 -5.29
CA LEU A 263 13.31 48.45 -3.96
C LEU A 263 14.25 47.26 -3.94
N LEU A 264 14.36 46.51 -5.04
CA LEU A 264 15.28 45.38 -5.07
C LEU A 264 16.72 45.84 -4.84
N GLU A 265 17.13 46.93 -5.49
CA GLU A 265 18.44 47.50 -5.22
C GLU A 265 18.46 48.39 -3.99
N ARG A 266 17.28 48.74 -3.45
CA ARG A 266 17.24 49.49 -2.21
C ARG A 266 17.56 48.60 -1.02
N TRP A 267 17.04 47.38 -1.01
CA TRP A 267 17.19 46.47 0.11
C TRP A 267 18.18 45.35 -0.12
N TRP A 268 18.11 44.67 -1.27
CA TRP A 268 18.94 43.49 -1.51
C TRP A 268 20.38 43.84 -1.86
N GLN A 269 20.66 45.07 -2.28
CA GLN A 269 22.02 45.42 -2.66
C GLN A 269 23.01 45.27 -1.52
N PRO A 270 22.76 45.78 -0.31
CA PRO A 270 23.68 45.46 0.80
C PRO A 270 23.56 44.02 1.27
N LEU A 271 22.49 43.32 0.90
CA LEU A 271 22.29 41.93 1.28
C LEU A 271 22.86 40.97 0.25
N LEU A 272 23.74 41.44 -0.64
CA LEU A 272 24.26 40.60 -1.70
C LEU A 272 25.09 39.45 -1.14
N ASP A 273 25.91 39.71 -0.13
CA ASP A 273 26.78 38.66 0.41
C ASP A 273 26.00 37.52 1.04
N PRO A 274 25.04 37.74 1.96
CA PRO A 274 24.27 36.59 2.46
C PRO A 274 23.48 35.89 1.38
N LEU A 275 22.97 36.65 0.41
CA LEU A 275 22.20 36.05 -0.69
C LEU A 275 23.09 35.12 -1.51
N ARG A 276 24.32 35.55 -1.80
CA ARG A 276 25.26 34.67 -2.48
C ARG A 276 25.62 33.48 -1.60
N ALA A 277 25.65 33.67 -0.29
CA ALA A 277 25.91 32.56 0.62
C ALA A 277 24.84 31.48 0.51
N CYS A 278 23.57 31.90 0.47
CA CYS A 278 22.50 30.91 0.35
C CYS A 278 22.17 30.56 -1.10
N LEU A 279 22.85 31.14 -2.07
CA LEU A 279 22.61 30.79 -3.47
C LEU A 279 22.82 29.31 -3.76
N PRO A 280 23.94 28.68 -3.36
CA PRO A 280 24.06 27.24 -3.60
C PRO A 280 23.22 26.39 -2.66
N LEU A 281 22.61 26.99 -1.64
CA LEU A 281 21.83 26.23 -0.67
C LEU A 281 20.54 25.67 -1.27
N GLY A 282 20.17 26.09 -2.47
CA GLY A 282 18.97 25.58 -3.11
C GLY A 282 18.97 24.07 -3.22
N PRO A 283 19.86 23.52 -4.04
CA PRO A 283 20.05 22.06 -4.03
C PRO A 283 20.56 21.54 -2.70
N ARG A 284 21.34 22.34 -1.98
CA ARG A 284 21.92 21.86 -0.72
C ARG A 284 20.85 21.66 0.34
N ALA A 285 19.98 22.66 0.52
CA ALA A 285 18.89 22.59 1.50
C ALA A 285 19.41 22.25 2.90
N LEU A 286 20.55 22.85 3.26
CA LEU A 286 21.15 22.54 4.54
C LEU A 286 22.23 23.58 4.77
N PRO A 287 22.35 24.14 5.98
CA PRO A 287 23.39 25.14 6.21
C PRO A 287 24.77 24.59 5.95
N SER A 288 25.65 25.45 5.41
CA SER A 288 26.99 25.04 5.03
C SER A 288 27.76 24.51 6.23
N GLY A 289 28.44 23.39 6.04
CA GLY A 289 29.20 22.78 7.11
C GLY A 289 28.34 22.31 8.26
N PHE A 290 27.17 21.78 7.97
CA PHE A 290 26.28 21.33 9.03
C PHE A 290 26.77 20.02 9.62
N PRO A 291 26.87 19.91 10.94
CA PRO A 291 27.29 18.64 11.55
C PRO A 291 26.23 17.55 11.44
N LEU A 292 26.48 16.55 10.62
CA LEU A 292 25.58 15.41 10.47
C LEU A 292 26.40 14.13 10.45
N HIS A 293 25.75 13.03 10.81
CA HIS A 293 26.43 11.75 10.82
C HIS A 293 26.87 11.37 9.42
N THR A 294 28.06 10.79 9.32
CA THR A 294 28.62 10.45 8.01
C THR A 294 27.78 9.44 7.27
N ASP A 295 26.98 8.64 7.97
CA ASP A 295 26.15 7.65 7.31
C ASP A 295 24.93 8.24 6.62
N ILE A 296 24.59 9.50 6.91
CA ILE A 296 23.39 10.11 6.37
C ILE A 296 23.63 10.48 4.91
N LEU A 297 22.78 9.97 4.02
CA LEU A 297 22.83 10.32 2.61
C LEU A 297 21.54 10.97 2.14
N GLY A 298 20.63 11.28 3.07
CA GLY A 298 19.38 11.93 2.71
C GLY A 298 18.61 12.44 3.91
N LEU A 299 18.20 13.71 3.87
CA LEU A 299 17.43 14.33 4.93
C LEU A 299 16.09 14.76 4.37
N LEU A 300 15.00 14.43 5.05
CA LEU A 300 13.68 14.86 4.61
C LEU A 300 12.89 15.34 5.82
N LEU A 301 13.47 16.26 6.58
CA LEU A 301 12.80 16.73 7.78
C LEU A 301 11.42 17.27 7.44
N LEU A 302 10.41 16.82 8.17
CA LEU A 302 9.04 17.27 7.97
C LEU A 302 8.51 17.86 9.26
N HIS A 303 8.12 19.12 9.22
CA HIS A 303 7.48 19.79 10.36
C HIS A 303 6.05 20.09 9.95
N LEU A 304 5.16 19.14 10.24
CA LEU A 304 3.75 19.31 9.90
C LEU A 304 3.11 20.43 10.71
N GLU A 305 3.55 20.63 11.95
CA GLU A 305 3.05 21.76 12.72
C GLU A 305 3.38 23.08 12.04
N LEU A 306 4.60 23.20 11.54
CA LEU A 306 5.02 24.38 10.79
C LEU A 306 4.74 24.25 9.29
N LYS A 307 4.27 23.08 8.84
CA LYS A 307 3.90 22.86 7.45
C LYS A 307 5.07 23.13 6.52
N ARG A 308 6.24 22.60 6.87
CA ARG A 308 7.46 22.82 6.11
C ARG A 308 8.21 21.52 5.94
N CYS A 309 9.06 21.46 4.92
CA CYS A 309 9.87 20.28 4.68
C CYS A 309 11.25 20.68 4.19
N LEU A 310 12.28 20.17 4.85
CA LEU A 310 13.67 20.36 4.47
C LEU A 310 14.15 19.09 3.78
N PHE A 311 14.44 19.20 2.48
CA PHE A 311 14.71 18.06 1.62
C PHE A 311 16.12 18.16 1.04
N THR A 312 17.07 17.52 1.70
CA THR A 312 18.45 17.44 1.22
C THR A 312 18.68 16.06 0.62
N VAL A 313 19.10 16.03 -0.63
CA VAL A 313 19.30 14.78 -1.35
C VAL A 313 20.77 14.42 -1.54
N GLU A 314 21.67 15.40 -1.50
CA GLU A 314 23.09 15.16 -1.81
C GLU A 314 23.97 15.65 -0.66
N PRO A 315 24.01 14.92 0.46
CA PRO A 315 25.09 15.11 1.42
C PRO A 315 26.29 14.24 1.11
N LEU A 316 26.18 13.37 0.10
CA LEU A 316 27.27 12.48 -0.33
C LEU A 316 26.89 11.87 -1.67
N GLY A 317 27.80 11.95 -2.64
CA GLY A 317 27.52 11.42 -3.96
C GLY A 317 28.33 10.19 -4.30
N ASP A 318 28.64 9.38 -3.28
CA ASP A 318 29.52 8.23 -3.47
C ASP A 318 28.70 6.97 -3.72
N LYS A 319 27.86 6.59 -2.77
CA LYS A 319 26.87 5.54 -2.98
C LYS A 319 25.56 6.13 -3.50
N GLU A 320 24.90 5.37 -4.37
CA GLU A 320 23.72 5.83 -5.09
C GLU A 320 24.02 7.20 -5.70
N PRO A 321 25.02 7.31 -6.59
CA PRO A 321 25.42 8.64 -7.06
C PRO A 321 24.29 9.40 -7.73
N SER A 322 23.36 8.71 -8.40
CA SER A 322 22.23 9.35 -9.05
C SER A 322 21.33 10.00 -8.01
N PRO A 323 21.26 11.34 -7.98
CA PRO A 323 20.31 11.99 -7.06
C PRO A 323 18.87 11.64 -7.38
N GLU A 324 18.57 11.36 -8.65
CA GLU A 324 17.22 10.96 -9.03
C GLU A 324 16.82 9.66 -8.35
N GLN A 325 17.76 8.72 -8.28
CA GLN A 325 17.48 7.46 -7.59
C GLN A 325 17.21 7.70 -6.11
N ARG A 326 18.00 8.57 -5.47
CA ARG A 326 17.79 8.86 -4.06
C ARG A 326 16.44 9.54 -3.84
N ARG A 327 16.07 10.46 -4.72
CA ARG A 327 14.78 11.13 -4.58
C ARG A 327 13.63 10.14 -4.76
N ARG A 328 13.74 9.25 -5.74
CA ARG A 328 12.70 8.24 -5.93
C ARG A 328 12.60 7.33 -4.72
N LEU A 329 13.74 6.93 -4.16
CA LEU A 329 13.73 6.06 -2.98
C LEU A 329 13.07 6.77 -1.80
N LEU A 330 13.43 8.04 -1.57
CA LEU A 330 12.83 8.76 -0.46
C LEU A 330 11.33 8.96 -0.66
N ARG A 331 10.91 9.26 -1.89
CA ARG A 331 9.49 9.43 -2.16
C ARG A 331 8.73 8.12 -1.94
N ASN A 332 9.28 7.01 -2.41
CA ASN A 332 8.64 5.72 -2.20
C ASN A 332 8.58 5.37 -0.72
N PHE A 333 9.65 5.68 0.02
CA PHE A 333 9.63 5.46 1.46
C PHE A 333 8.54 6.28 2.12
N TYR A 334 8.37 7.53 1.70
CA TYR A 334 7.32 8.36 2.28
C TYR A 334 5.94 7.80 1.95
N THR A 335 5.75 7.34 0.71
CA THR A 335 4.46 6.77 0.33
C THR A 335 4.18 5.47 1.08
N LEU A 336 5.23 4.78 1.51
CA LEU A 336 5.04 3.55 2.30
C LEU A 336 4.87 3.86 3.77
N VAL A 337 5.42 4.97 4.25
CA VAL A 337 5.35 5.29 5.67
C VAL A 337 4.12 6.12 6.02
N THR A 338 3.47 6.75 5.03
CA THR A 338 2.24 7.47 5.33
C THR A 338 1.14 6.52 5.77
N SER A 339 1.17 5.27 5.30
CA SER A 339 0.19 4.27 5.75
C SER A 339 0.52 3.75 7.14
N THR A 340 1.80 3.65 7.49
CA THR A 340 2.18 3.11 8.79
C THR A 340 2.05 4.16 9.89
N HIS A 341 2.77 5.28 9.76
CA HIS A 341 2.74 6.30 10.79
C HIS A 341 1.36 6.92 10.94
N PHE A 342 0.71 7.21 9.83
CA PHE A 342 -0.60 7.85 9.87
C PHE A 342 -1.65 6.99 9.18
N PRO A 362 7.73 8.97 19.23
CA PRO A 362 8.26 7.70 19.72
C PRO A 362 8.26 6.61 18.65
N ARG A 363 7.17 6.53 17.89
CA ARG A 363 7.07 5.51 16.84
C ARG A 363 8.14 5.75 15.77
N ALA A 364 8.76 4.66 15.34
CA ALA A 364 9.81 4.73 14.33
C ALA A 364 9.66 3.56 13.38
N CYS A 365 10.47 3.58 12.33
CA CYS A 365 10.44 2.53 11.31
C CYS A 365 11.79 2.49 10.62
N TYR A 366 12.11 1.33 10.05
CA TYR A 366 13.29 1.21 9.20
C TYR A 366 13.06 0.09 8.20
N LEU A 367 13.43 0.35 6.95
CA LEU A 367 13.02 -0.49 5.83
C LEU A 367 14.23 -0.83 4.96
N VAL A 368 15.27 -1.36 5.61
CA VAL A 368 16.50 -1.79 4.94
C VAL A 368 16.15 -2.59 3.69
N LEU A 369 16.65 -2.15 2.54
CA LEU A 369 16.25 -2.71 1.26
C LEU A 369 17.46 -2.78 0.34
N GLY A 370 17.28 -3.48 -0.78
CA GLY A 370 18.26 -3.55 -1.83
C GLY A 370 18.42 -4.97 -2.32
N THR A 371 19.54 -5.22 -2.97
CA THR A 371 19.86 -6.57 -3.40
C THR A 371 20.14 -7.45 -2.18
N GLU A 372 19.84 -8.74 -2.32
CA GLU A 372 20.04 -9.67 -1.23
C GLU A 372 21.53 -9.88 -0.92
N GLU A 373 22.42 -9.49 -1.81
CA GLU A 373 23.84 -9.56 -1.54
C GLU A 373 24.21 -8.56 -0.45
N PRO A 374 24.97 -8.96 0.57
CA PRO A 374 25.31 -8.03 1.64
C PRO A 374 26.20 -6.90 1.17
N GLY A 375 26.05 -5.75 1.83
CA GLY A 375 26.83 -4.58 1.49
C GLY A 375 26.28 -3.73 0.38
N THR A 376 25.07 -3.99 -0.08
CA THR A 376 24.43 -3.22 -1.13
C THR A 376 23.12 -2.62 -0.61
N GLY A 377 22.38 -1.97 -1.51
CA GLY A 377 21.11 -1.40 -1.13
C GLY A 377 21.25 -0.14 -0.27
N VAL A 378 20.19 0.17 0.45
CA VAL A 378 20.11 1.35 1.30
C VAL A 378 19.39 0.98 2.59
N ARG A 379 19.38 1.91 3.53
CA ARG A 379 18.64 1.77 4.78
C ARG A 379 17.79 3.02 4.96
N LEU A 380 16.47 2.85 5.00
CA LEU A 380 15.55 3.97 5.10
C LEU A 380 14.87 3.94 6.45
N VAL A 381 14.93 5.07 7.17
CA VAL A 381 14.46 5.17 8.54
C VAL A 381 13.44 6.28 8.65
N ALA A 382 12.48 6.11 9.55
CA ALA A 382 11.43 7.08 9.79
C ALA A 382 11.30 7.29 11.29
N LEU A 383 11.16 8.56 11.70
CA LEU A 383 10.89 8.88 13.09
C LEU A 383 9.81 9.93 13.18
N GLN A 384 8.87 9.75 14.09
CA GLN A 384 7.83 10.74 14.36
C GLN A 384 7.92 11.17 15.81
N LEU A 385 7.99 12.49 16.02
CA LEU A 385 8.06 13.03 17.38
C LEU A 385 7.61 14.48 17.35
N GLY A 386 6.46 14.76 17.95
CA GLY A 386 5.97 16.12 18.04
C GLY A 386 5.75 16.79 16.70
N LEU A 387 5.10 16.09 15.78
CA LEU A 387 4.84 16.60 14.43
C LEU A 387 6.13 16.99 13.73
N ARG A 388 7.19 16.20 13.95
CA ARG A 388 8.49 16.42 13.34
C ARG A 388 8.97 15.14 12.67
N ARG A 389 8.10 14.54 11.86
CA ARG A 389 8.46 13.33 11.14
C ARG A 389 9.69 13.56 10.27
N LEU A 390 10.58 12.58 10.24
CA LEU A 390 11.87 12.68 9.58
C LEU A 390 12.19 11.37 8.89
N LEU A 391 12.64 11.44 7.64
CA LEU A 391 13.11 10.29 6.89
C LEU A 391 14.60 10.39 6.68
N LEU A 392 15.30 9.28 6.89
CA LEU A 392 16.74 9.21 6.80
C LEU A 392 17.12 8.12 5.81
N LEU A 393 17.86 8.48 4.78
CA LEU A 393 18.54 7.51 3.94
C LEU A 393 19.94 7.33 4.50
N LEU A 394 20.38 6.08 4.63
CA LEU A 394 21.69 5.80 5.20
C LEU A 394 22.52 5.01 4.20
N SER A 395 23.82 4.96 4.48
CA SER A 395 24.75 4.25 3.62
C SER A 395 24.47 2.75 3.68
N PRO A 396 24.79 2.01 2.61
CA PRO A 396 24.58 0.56 2.64
C PRO A 396 25.36 -0.14 3.73
N GLN A 397 26.47 0.44 4.17
CA GLN A 397 27.26 -0.12 5.26
C GLN A 397 26.83 0.38 6.63
N SER A 398 25.79 1.20 6.69
CA SER A 398 25.34 1.73 7.97
C SER A 398 24.83 0.60 8.85
N PRO A 399 25.30 0.48 10.10
CA PRO A 399 24.82 -0.59 10.97
C PRO A 399 23.33 -0.43 11.24
N THR A 400 22.64 -1.57 11.30
CA THR A 400 21.20 -1.57 11.53
C THR A 400 20.83 -1.53 13.00
N HIS A 401 21.78 -1.76 13.91
CA HIS A 401 21.46 -1.83 15.32
C HIS A 401 21.09 -0.46 15.88
N GLY A 402 21.89 0.55 15.58
CA GLY A 402 21.70 1.86 16.17
C GLY A 402 20.92 2.82 15.29
N LEU A 403 20.06 2.28 14.44
CA LEU A 403 19.35 3.13 13.48
C LEU A 403 18.46 4.13 14.19
N ARG A 404 17.72 3.67 15.20
CA ARG A 404 16.82 4.58 15.93
C ARG A 404 17.60 5.62 16.71
N SER A 405 18.71 5.23 17.33
CA SER A 405 19.53 6.20 18.05
C SER A 405 20.11 7.24 17.09
N LEU A 406 20.55 6.80 15.90
CA LEU A 406 21.01 7.73 14.90
C LEU A 406 19.91 8.70 14.50
N ALA A 407 18.69 8.19 14.31
CA ALA A 407 17.58 9.06 13.95
C ALA A 407 17.27 10.07 15.05
N THR A 408 17.30 9.62 16.31
CA THR A 408 17.04 10.53 17.41
C THR A 408 18.09 11.63 17.48
N HIS A 409 19.36 11.27 17.31
CA HIS A 409 20.42 12.28 17.32
C HIS A 409 20.26 13.26 16.16
N THR A 410 19.91 12.75 14.97
CA THR A 410 19.70 13.63 13.83
C THR A 410 18.53 14.58 14.07
N LEU A 411 17.45 14.06 14.65
CA LEU A 411 16.30 14.90 14.94
C LEU A 411 16.63 15.98 15.96
N HIS A 412 17.41 15.61 16.99
CA HIS A 412 17.84 16.60 17.97
C HIS A 412 18.70 17.68 17.32
N ALA A 413 19.61 17.26 16.43
CA ALA A 413 20.47 18.24 15.75
C ALA A 413 19.65 19.17 14.86
N LEU A 414 18.68 18.63 14.13
CA LEU A 414 17.90 19.42 13.19
C LEU A 414 16.71 20.12 13.83
N THR A 415 16.45 19.90 15.12
CA THR A 415 15.30 20.52 15.76
C THR A 415 15.35 22.04 15.74
N PRO A 416 16.46 22.72 16.13
CA PRO A 416 16.46 24.18 16.06
C PRO A 416 16.36 24.72 14.64
N LEU A 417 16.77 23.96 13.63
CA LEU A 417 16.70 24.44 12.26
C LEU A 417 15.26 24.64 11.80
N LEU A 418 14.38 23.71 12.16
CA LEU A 418 12.99 23.80 11.73
C LEU A 418 12.04 23.31 12.81
N GLY B 317 -20.30 -7.18 9.79
CA GLY B 317 -20.19 -8.00 8.59
C GLY B 317 -21.50 -8.09 7.82
N LEU B 318 -22.60 -8.29 8.55
CA LEU B 318 -23.91 -8.35 7.92
C LEU B 318 -24.26 -7.04 7.24
N ASN B 319 -23.97 -5.92 7.89
CA ASN B 319 -24.29 -4.62 7.33
C ASN B 319 -23.32 -4.20 6.24
N THR B 320 -22.06 -4.58 6.37
CA THR B 320 -21.06 -4.19 5.40
C THR B 320 -21.28 -4.93 4.08
N PRO B 321 -21.19 -4.25 2.94
CA PRO B 321 -21.39 -4.93 1.65
C PRO B 321 -20.30 -5.94 1.38
N HIS B 322 -20.68 -7.01 0.67
CA HIS B 322 -19.74 -8.07 0.32
C HIS B 322 -20.36 -8.89 -0.81
N ILE B 323 -19.60 -9.08 -1.89
CA ILE B 323 -20.13 -9.77 -3.06
C ILE B 323 -19.13 -10.79 -3.58
N ILE B 324 -19.65 -11.95 -3.95
CA ILE B 324 -19.00 -12.89 -4.85
C ILE B 324 -19.84 -13.00 -6.11
N MET B 325 -19.21 -12.85 -7.27
CA MET B 325 -20.00 -12.78 -8.48
C MET B 325 -19.19 -13.32 -9.66
N TYR B 326 -19.89 -13.83 -10.65
CA TYR B 326 -19.27 -14.55 -11.76
C TYR B 326 -19.87 -14.14 -13.11
N LEU B 327 -19.89 -12.83 -13.37
CA LEU B 327 -20.41 -12.36 -14.65
C LEU B 327 -19.66 -13.01 -15.81
N THR B 328 -20.35 -13.16 -16.94
CA THR B 328 -19.76 -13.71 -18.14
C THR B 328 -19.11 -12.58 -18.94
N LEU B 329 -17.78 -12.60 -18.99
CA LEU B 329 -17.07 -11.56 -19.73
C LEU B 329 -17.32 -11.68 -21.22
N GLN B 330 -17.21 -10.54 -21.91
CA GLN B 330 -17.35 -10.47 -23.37
C GLN B 330 -18.69 -11.06 -23.81
N LEU B 331 -19.74 -10.80 -23.04
CA LEU B 331 -21.07 -11.24 -23.42
C LEU B 331 -21.52 -10.51 -24.68
N ASP B 332 -22.16 -11.25 -25.58
CA ASP B 332 -22.62 -10.71 -26.85
C ASP B 332 -24.12 -10.94 -27.05
N SER B 333 -24.87 -10.98 -25.96
CA SER B 333 -26.32 -11.19 -26.00
C SER B 333 -27.02 -9.88 -25.66
N GLU B 334 -27.97 -9.48 -26.50
CA GLU B 334 -28.73 -8.25 -26.26
C GLU B 334 -29.60 -8.34 -25.02
N THR B 335 -29.92 -9.55 -24.55
CA THR B 335 -30.66 -9.71 -23.31
C THR B 335 -29.76 -9.36 -22.14
N SER B 336 -29.82 -8.12 -21.67
CA SER B 336 -28.92 -7.63 -20.63
C SER B 336 -29.48 -7.85 -19.23
N LYS B 337 -30.31 -8.87 -19.04
CA LYS B 337 -30.82 -9.18 -17.71
C LYS B 337 -29.68 -9.70 -16.83
N GLU B 338 -29.85 -9.53 -15.52
CA GLU B 338 -28.82 -9.91 -14.57
C GLU B 338 -28.49 -11.40 -14.66
N GLU B 339 -29.49 -12.24 -14.98
CA GLU B 339 -29.22 -13.67 -15.11
C GLU B 339 -28.29 -13.95 -16.28
N GLN B 340 -28.46 -13.21 -17.39
CA GLN B 340 -27.58 -13.42 -18.53
C GLN B 340 -26.14 -13.11 -18.19
N GLU B 341 -25.91 -12.01 -17.48
CA GLU B 341 -24.54 -11.65 -17.08
C GLU B 341 -24.06 -12.56 -15.96
N ILE B 342 -24.73 -12.52 -14.81
CA ILE B 342 -24.27 -13.22 -13.61
C ILE B 342 -24.56 -14.70 -13.76
N LEU B 343 -23.52 -15.52 -13.60
CA LEU B 343 -23.72 -16.97 -13.54
C LEU B 343 -23.92 -17.44 -12.11
N TYR B 344 -23.11 -16.95 -11.18
CA TYR B 344 -23.26 -17.28 -9.77
C TYR B 344 -23.16 -16.00 -8.94
N HIS B 345 -23.96 -15.96 -7.88
CA HIS B 345 -23.99 -14.78 -7.01
C HIS B 345 -24.55 -15.25 -5.66
N TYR B 346 -23.66 -15.45 -4.69
CA TYR B 346 -24.11 -16.04 -3.42
C TYR B 346 -24.99 -15.11 -2.60
N PRO B 347 -24.58 -13.88 -2.24
CA PRO B 347 -25.36 -13.12 -1.26
C PRO B 347 -26.80 -12.88 -1.68
N MET B 348 -27.00 -12.23 -2.82
CA MET B 348 -28.34 -11.92 -3.33
C MET B 348 -29.20 -11.26 -2.25
N SER B 349 -28.62 -10.28 -1.57
CA SER B 349 -29.31 -9.62 -0.47
C SER B 349 -29.09 -8.12 -0.62
N GLU B 350 -29.49 -7.38 0.42
CA GLU B 350 -29.37 -5.92 0.40
C GLU B 350 -27.91 -5.49 0.30
N ALA B 351 -27.01 -6.19 1.00
CA ALA B 351 -25.61 -5.84 1.01
C ALA B 351 -24.92 -6.11 -0.32
N SER B 352 -25.56 -6.82 -1.25
CA SER B 352 -24.96 -7.16 -2.52
C SER B 352 -25.71 -6.62 -3.73
N GLN B 353 -26.93 -6.12 -3.56
CA GLN B 353 -27.69 -5.62 -4.70
C GLN B 353 -26.99 -4.41 -5.33
N LYS B 354 -26.36 -3.58 -4.50
CA LYS B 354 -25.61 -2.44 -5.01
C LYS B 354 -24.54 -2.89 -5.98
N LEU B 355 -23.69 -3.83 -5.56
CA LEU B 355 -22.61 -4.28 -6.44
C LEU B 355 -23.16 -5.06 -7.64
N LYS B 356 -24.26 -5.78 -7.45
CA LYS B 356 -24.88 -6.45 -8.60
C LYS B 356 -25.31 -5.43 -9.65
N SER B 357 -25.77 -4.26 -9.21
CA SER B 357 -26.13 -3.21 -10.15
C SER B 357 -24.90 -2.57 -10.77
N VAL B 358 -23.82 -2.40 -9.99
CA VAL B 358 -22.65 -1.68 -10.46
C VAL B 358 -21.66 -2.63 -11.13
N ARG B 359 -22.08 -3.88 -11.37
CA ARG B 359 -21.25 -4.83 -12.10
C ARG B 359 -20.84 -4.33 -13.49
N GLY B 360 -21.62 -3.42 -14.08
CA GLY B 360 -21.30 -2.94 -15.41
C GLY B 360 -19.97 -2.22 -15.46
N ILE B 361 -19.69 -1.38 -14.46
CA ILE B 361 -18.40 -0.70 -14.45
C ILE B 361 -17.28 -1.69 -14.22
N PHE B 362 -17.54 -2.74 -13.43
CA PHE B 362 -16.52 -3.77 -13.23
C PHE B 362 -16.15 -4.41 -14.56
N LEU B 363 -17.14 -4.83 -15.32
CA LEU B 363 -16.89 -5.46 -16.61
C LEU B 363 -16.17 -4.52 -17.56
N THR B 364 -16.71 -3.30 -17.72
CA THR B 364 -16.15 -2.36 -18.68
C THR B 364 -14.72 -1.98 -18.30
N LEU B 365 -14.48 -1.71 -17.02
CA LEU B 365 -13.15 -1.38 -16.55
C LEU B 365 -12.19 -2.52 -16.78
N CYS B 366 -12.62 -3.75 -16.50
CA CYS B 366 -11.76 -4.90 -16.71
C CYS B 366 -11.33 -5.01 -18.17
N ASP B 367 -12.29 -4.93 -19.09
CA ASP B 367 -11.93 -5.09 -20.50
C ASP B 367 -11.10 -3.92 -21.01
N MET B 368 -11.44 -2.69 -20.62
CA MET B 368 -10.66 -1.53 -21.05
C MET B 368 -9.23 -1.59 -20.53
N LEU B 369 -9.05 -1.94 -19.27
CA LEU B 369 -7.70 -1.99 -18.72
C LEU B 369 -6.93 -3.19 -19.26
N GLU B 370 -7.62 -4.26 -19.62
CA GLU B 370 -6.97 -5.34 -20.38
C GLU B 370 -6.49 -4.83 -21.72
N ASN B 371 -7.26 -3.94 -22.35
CA ASN B 371 -6.86 -3.38 -23.64
C ASN B 371 -5.63 -2.49 -23.50
N VAL B 372 -5.73 -1.43 -22.68
CA VAL B 372 -4.65 -0.45 -22.63
C VAL B 372 -3.43 -1.03 -21.93
N THR B 373 -3.63 -1.73 -20.82
CA THR B 373 -2.53 -2.29 -20.06
C THR B 373 -2.37 -3.77 -20.39
N GLY B 374 -1.12 -4.19 -20.56
CA GLY B 374 -0.84 -5.58 -20.90
C GLY B 374 -1.31 -6.57 -19.85
N THR B 375 -1.55 -6.11 -18.63
CA THR B 375 -2.03 -6.95 -17.55
C THR B 375 -3.48 -6.62 -17.23
N GLN B 376 -4.18 -7.60 -16.66
CA GLN B 376 -5.57 -7.44 -16.30
C GLN B 376 -5.70 -6.71 -14.97
N VAL B 377 -6.94 -6.41 -14.60
CA VAL B 377 -7.22 -5.75 -13.34
C VAL B 377 -7.04 -6.74 -12.20
N THR B 378 -6.32 -6.31 -11.15
CA THR B 378 -6.18 -7.13 -9.95
C THR B 378 -6.95 -6.59 -8.77
N SER B 379 -7.28 -5.30 -8.75
CA SER B 379 -7.99 -4.71 -7.62
C SER B 379 -8.57 -3.35 -7.98
N SER B 380 -9.84 -3.14 -7.67
CA SER B 380 -10.49 -1.85 -7.84
C SER B 380 -10.99 -1.37 -6.48
N SER B 381 -10.79 -0.09 -6.21
CA SER B 381 -11.12 0.50 -4.92
C SER B 381 -12.23 1.51 -5.13
N LEU B 382 -13.42 1.20 -4.62
CA LEU B 382 -14.61 2.02 -4.84
C LEU B 382 -15.09 2.60 -3.52
N LEU B 383 -15.21 3.92 -3.46
CA LEU B 383 -15.74 4.57 -2.25
C LEU B 383 -17.25 4.60 -2.37
N LEU B 384 -17.89 3.58 -1.82
CA LEU B 384 -19.34 3.41 -1.90
C LEU B 384 -19.97 3.86 -0.60
N ASN B 385 -20.96 4.75 -0.71
CA ASN B 385 -21.71 5.32 0.41
C ASN B 385 -20.79 5.75 1.56
N GLY B 386 -19.64 6.32 1.23
CA GLY B 386 -18.73 6.85 2.22
C GLY B 386 -17.78 5.84 2.84
N LYS B 387 -17.90 4.56 2.48
CA LYS B 387 -17.02 3.52 2.99
C LYS B 387 -16.29 2.86 1.84
N GLN B 388 -15.05 2.46 2.09
CA GLN B 388 -14.18 1.96 1.03
C GLN B 388 -14.48 0.48 0.81
N ILE B 389 -14.57 0.08 -0.45
CA ILE B 389 -14.85 -1.30 -0.84
C ILE B 389 -13.79 -1.73 -1.84
N HIS B 390 -13.03 -2.75 -1.49
CA HIS B 390 -12.04 -3.33 -2.40
C HIS B 390 -12.66 -4.54 -3.10
N VAL B 391 -12.56 -4.57 -4.42
CA VAL B 391 -13.03 -5.69 -5.22
C VAL B 391 -11.84 -6.25 -6.00
N ALA B 392 -11.65 -7.56 -5.91
CA ALA B 392 -10.59 -8.26 -6.59
C ALA B 392 -11.17 -9.04 -7.76
N TYR B 393 -10.50 -8.95 -8.91
CA TYR B 393 -10.93 -9.51 -10.17
C TYR B 393 -10.23 -10.84 -10.45
N TRP B 394 -10.75 -11.56 -11.44
CA TRP B 394 -10.04 -12.69 -12.02
C TRP B 394 -10.62 -12.96 -13.39
N LYS B 395 -9.83 -12.76 -14.43
CA LYS B 395 -10.21 -13.08 -15.79
C LYS B 395 -9.47 -14.34 -16.21
N GLU B 396 -10.22 -15.39 -16.57
CA GLU B 396 -9.61 -16.64 -17.00
C GLU B 396 -9.89 -16.96 -18.47
N SER B 397 -11.16 -17.10 -18.85
CA SER B 397 -11.51 -17.36 -20.25
C SER B 397 -12.97 -16.97 -20.45
N ASP B 398 -13.19 -15.78 -21.02
CA ASP B 398 -14.53 -15.25 -21.28
C ASP B 398 -15.38 -15.22 -20.00
N LYS B 399 -14.73 -15.28 -18.84
CA LYS B 399 -15.41 -15.31 -17.56
C LYS B 399 -14.65 -14.43 -16.58
N LEU B 400 -15.39 -13.83 -15.64
CA LEU B 400 -14.77 -12.95 -14.67
C LEU B 400 -15.36 -13.26 -13.30
N LEU B 401 -14.51 -13.31 -12.29
CA LEU B 401 -14.89 -13.63 -10.93
C LEU B 401 -14.47 -12.50 -10.01
N LEU B 402 -15.43 -11.93 -9.29
CA LEU B 402 -15.24 -10.72 -8.48
C LEU B 402 -15.56 -10.98 -7.02
N ILE B 403 -14.68 -10.50 -6.15
CA ILE B 403 -14.87 -10.58 -4.69
C ILE B 403 -14.68 -9.19 -4.11
N GLY B 404 -15.75 -8.64 -3.53
CA GLY B 404 -15.68 -7.32 -2.95
C GLY B 404 -16.04 -7.26 -1.48
N LEU B 405 -15.15 -6.71 -0.66
CA LEU B 405 -15.35 -6.53 0.77
C LEU B 405 -14.89 -5.15 1.20
N PRO B 406 -15.39 -4.65 2.32
CA PRO B 406 -14.94 -3.34 2.80
C PRO B 406 -13.49 -3.37 3.28
N ALA B 407 -12.80 -2.24 3.12
CA ALA B 407 -11.39 -2.18 3.44
C ALA B 407 -11.11 -2.11 4.93
N GLU B 408 -11.98 -1.44 5.69
CA GLU B 408 -11.68 -1.17 7.10
C GLU B 408 -11.54 -2.43 7.92
N GLU B 409 -12.05 -3.56 7.45
CA GLU B 409 -11.85 -4.85 8.11
C GLU B 409 -10.77 -5.69 7.44
N VAL B 410 -10.83 -5.83 6.13
CA VAL B 410 -9.83 -6.56 5.36
C VAL B 410 -9.06 -5.57 4.50
N PRO B 411 -7.77 -5.37 4.73
CA PRO B 411 -6.98 -4.51 3.85
C PRO B 411 -6.77 -5.17 2.49
N LEU B 412 -6.30 -4.36 1.55
CA LEU B 412 -6.18 -4.82 0.17
C LEU B 412 -5.24 -6.00 0.01
N PRO B 413 -4.02 -6.01 0.57
CA PRO B 413 -3.18 -7.22 0.42
C PRO B 413 -3.85 -8.46 0.98
N ARG B 414 -4.56 -8.33 2.09
CA ARG B 414 -5.32 -9.44 2.62
C ARG B 414 -6.39 -9.88 1.64
N LEU B 415 -7.04 -8.92 0.97
CA LEU B 415 -8.05 -9.28 -0.02
C LEU B 415 -7.43 -10.04 -1.19
N ARG B 416 -6.25 -9.62 -1.64
CA ARG B 416 -5.59 -10.31 -2.75
C ARG B 416 -5.20 -11.73 -2.35
N ASN B 417 -4.63 -11.89 -1.15
CA ASN B 417 -4.32 -13.23 -0.68
C ASN B 417 -5.59 -14.06 -0.56
N MET B 418 -6.68 -13.43 -0.12
CA MET B 418 -7.94 -14.13 0.07
C MET B 418 -8.53 -14.60 -1.25
N ILE B 419 -8.45 -13.76 -2.29
CA ILE B 419 -8.94 -14.18 -3.60
C ILE B 419 -8.04 -15.27 -4.19
N GLU B 420 -6.73 -15.18 -3.96
CA GLU B 420 -5.86 -16.25 -4.41
C GLU B 420 -6.25 -17.57 -3.77
N ASN B 421 -6.48 -17.55 -2.45
CA ASN B 421 -6.89 -18.75 -1.74
C ASN B 421 -8.24 -19.25 -2.22
N VAL B 422 -9.17 -18.33 -2.50
CA VAL B 422 -10.51 -18.74 -2.92
C VAL B 422 -10.46 -19.41 -4.28
N ILE B 423 -9.71 -18.83 -5.22
CA ILE B 423 -9.60 -19.44 -6.55
C ILE B 423 -8.90 -20.78 -6.45
N GLN B 424 -7.85 -20.87 -5.63
CA GLN B 424 -7.15 -22.13 -5.44
C GLN B 424 -8.08 -23.19 -4.86
N THR B 425 -8.89 -22.81 -3.88
CA THR B 425 -9.79 -23.76 -3.25
C THR B 425 -10.89 -24.20 -4.21
N LEU B 426 -11.41 -23.28 -5.02
CA LEU B 426 -12.42 -23.66 -6.00
C LEU B 426 -11.85 -24.61 -7.04
N LYS B 427 -10.63 -24.33 -7.52
CA LYS B 427 -9.99 -25.24 -8.45
C LYS B 427 -9.72 -26.59 -7.80
N PHE B 428 -9.38 -26.57 -6.51
CA PHE B 428 -9.20 -27.81 -5.76
C PHE B 428 -10.51 -28.60 -5.72
N MET B 429 -11.63 -27.91 -5.51
CA MET B 429 -12.91 -28.59 -5.36
C MET B 429 -13.38 -29.16 -6.69
N TYR B 430 -13.59 -28.31 -7.68
CA TYR B 430 -14.29 -28.69 -8.91
C TYR B 430 -13.44 -28.46 -10.15
N GLY B 431 -12.12 -28.61 -10.02
CA GLY B 431 -11.23 -28.49 -11.15
C GLY B 431 -11.32 -27.15 -11.83
N SER B 432 -11.79 -27.13 -13.07
CA SER B 432 -12.00 -25.87 -13.77
C SER B 432 -13.12 -25.11 -13.10
N LEU B 433 -12.79 -23.92 -12.56
CA LEU B 433 -13.79 -23.12 -11.86
C LEU B 433 -14.97 -22.75 -12.75
N ASP B 434 -14.77 -22.74 -14.07
CA ASP B 434 -15.89 -22.55 -14.99
C ASP B 434 -16.93 -23.65 -14.80
N SER B 435 -16.48 -24.91 -14.72
CA SER B 435 -17.41 -25.99 -14.43
C SER B 435 -17.88 -25.94 -12.99
N ALA B 436 -17.10 -25.32 -12.10
CA ALA B 436 -17.53 -25.16 -10.72
C ALA B 436 -18.76 -24.27 -10.63
N PHE B 437 -18.77 -23.17 -11.38
CA PHE B 437 -19.85 -22.21 -11.29
C PHE B 437 -20.99 -22.49 -12.26
N CYS B 438 -20.70 -23.03 -13.44
CA CYS B 438 -21.76 -23.27 -14.41
C CYS B 438 -22.76 -24.31 -13.89
N GLN B 439 -22.28 -25.32 -13.18
CA GLN B 439 -23.17 -26.32 -12.63
C GLN B 439 -24.11 -25.70 -11.59
N ILE B 440 -25.34 -26.22 -11.55
CA ILE B 440 -26.37 -25.67 -10.68
C ILE B 440 -26.51 -26.56 -9.44
N GLU B 441 -26.18 -27.84 -9.59
CA GLU B 441 -26.35 -28.79 -8.49
C GLU B 441 -25.47 -28.42 -7.30
N ASN B 442 -24.25 -27.96 -7.56
CA ASN B 442 -23.32 -27.61 -6.51
C ASN B 442 -23.53 -26.20 -5.97
N VAL B 443 -24.54 -25.48 -6.46
CA VAL B 443 -24.78 -24.13 -5.98
C VAL B 443 -25.00 -24.06 -4.48
N PRO B 444 -25.80 -24.94 -3.85
CA PRO B 444 -25.90 -24.88 -2.38
C PRO B 444 -24.56 -25.08 -1.68
N ARG B 445 -23.70 -25.96 -2.20
CA ARG B 445 -22.38 -26.15 -1.60
C ARG B 445 -21.55 -24.88 -1.69
N LEU B 446 -21.55 -24.25 -2.87
CA LEU B 446 -20.82 -23.00 -3.03
C LEU B 446 -21.37 -21.92 -2.11
N ASP B 447 -22.69 -21.86 -1.97
CA ASP B 447 -23.30 -20.87 -1.09
C ASP B 447 -22.89 -21.08 0.36
N HIS B 448 -22.89 -22.34 0.81
CA HIS B 448 -22.44 -22.63 2.17
C HIS B 448 -20.98 -22.25 2.37
N PHE B 449 -20.12 -22.62 1.42
CA PHE B 449 -18.71 -22.32 1.53
C PHE B 449 -18.47 -20.82 1.55
N PHE B 450 -19.14 -20.08 0.68
CA PHE B 450 -18.97 -18.63 0.65
C PHE B 450 -19.54 -17.97 1.88
N ASN B 451 -20.63 -18.52 2.44
CA ASN B 451 -21.14 -18.01 3.70
C ASN B 451 -20.08 -18.14 4.80
N LEU B 452 -19.48 -19.33 4.91
CA LEU B 452 -18.46 -19.53 5.93
C LEU B 452 -17.26 -18.63 5.68
N PHE B 453 -16.86 -18.47 4.42
CA PHE B 453 -15.70 -17.65 4.08
C PHE B 453 -15.95 -16.18 4.39
N PHE B 454 -17.12 -15.67 4.02
CA PHE B 454 -17.45 -14.29 4.33
C PHE B 454 -17.53 -14.06 5.83
N GLN B 455 -18.11 -15.02 6.56
CA GLN B 455 -18.15 -14.90 8.01
C GLN B 455 -16.74 -14.88 8.60
N ARG B 456 -15.84 -15.70 8.06
CA ARG B 456 -14.46 -15.70 8.52
C ARG B 456 -13.79 -14.35 8.24
N ALA B 457 -14.02 -13.79 7.05
CA ALA B 457 -13.37 -12.55 6.68
C ALA B 457 -13.89 -11.37 7.48
N LEU B 458 -15.21 -11.28 7.67
CA LEU B 458 -15.80 -10.09 8.27
C LEU B 458 -16.11 -10.24 9.75
N GLN B 459 -16.30 -11.47 10.24
CA GLN B 459 -16.60 -11.71 11.65
C GLN B 459 -15.54 -12.62 12.23
N PRO B 460 -14.47 -12.05 12.81
CA PRO B 460 -13.42 -12.89 13.39
C PRO B 460 -13.91 -13.81 14.49
N ALA B 461 -14.89 -13.37 15.27
CA ALA B 461 -15.44 -14.21 16.32
C ALA B 461 -16.33 -15.31 15.70
N LYS B 462 -16.84 -16.19 16.57
CA LYS B 462 -17.69 -17.30 16.16
C LYS B 462 -16.98 -18.20 15.15
N ALA B 471 -8.39 -16.53 25.69
CA ALA B 471 -7.53 -17.26 24.76
C ALA B 471 -8.27 -17.62 23.49
N GLN B 472 -9.60 -17.50 23.53
CA GLN B 472 -10.43 -17.79 22.37
C GLN B 472 -10.26 -16.78 21.25
N GLN B 473 -9.59 -15.65 21.50
CA GLN B 473 -9.44 -14.59 20.52
C GLN B 473 -8.04 -14.53 19.90
N TYR B 474 -7.06 -15.21 20.49
CA TYR B 474 -5.70 -15.13 19.97
C TYR B 474 -5.62 -15.68 18.55
N ASP B 475 -6.28 -16.82 18.31
CA ASP B 475 -6.32 -17.38 16.96
C ASP B 475 -6.97 -16.43 15.98
N ALA B 476 -8.10 -15.83 16.38
CA ALA B 476 -8.76 -14.86 15.52
C ALA B 476 -7.88 -13.63 15.32
N SER B 477 -7.19 -13.19 16.38
CA SER B 477 -6.32 -12.02 16.26
C SER B 477 -5.19 -12.25 15.28
N SER B 478 -4.62 -13.46 15.29
CA SER B 478 -3.49 -13.77 14.42
C SER B 478 -3.89 -14.25 13.03
N ALA B 479 -5.15 -14.64 12.85
CA ALA B 479 -5.58 -15.18 11.55
C ALA B 479 -5.45 -14.16 10.43
N VAL B 480 -5.31 -12.87 10.77
CA VAL B 480 -5.06 -11.86 9.74
C VAL B 480 -3.81 -12.21 8.94
N LEU B 481 -2.77 -12.68 9.62
CA LEU B 481 -1.55 -13.08 8.93
C LEU B 481 -1.44 -14.57 8.72
N LEU B 482 -1.90 -15.40 9.66
CA LEU B 482 -1.73 -16.85 9.50
C LEU B 482 -2.39 -17.35 8.23
N ASP B 483 -3.60 -16.86 7.92
CA ASP B 483 -4.23 -17.22 6.66
C ASP B 483 -3.46 -16.62 5.49
N ASN B 484 -2.77 -15.51 5.69
CA ASN B 484 -2.05 -14.87 4.59
C ASN B 484 -0.82 -15.68 4.21
N LEU B 485 -0.13 -16.28 5.17
CA LEU B 485 1.11 -16.98 4.88
C LEU B 485 0.85 -18.19 4.00
N PRO B 486 1.75 -18.50 3.06
CA PRO B 486 1.66 -19.74 2.29
C PRO B 486 2.26 -20.94 3.04
N GLY B 487 1.90 -21.07 4.30
CA GLY B 487 2.41 -22.14 5.14
C GLY B 487 1.35 -22.71 6.05
N VAL B 488 1.76 -23.52 7.02
CA VAL B 488 0.83 -24.18 7.94
C VAL B 488 1.44 -24.15 9.33
N ARG B 489 0.60 -23.89 10.33
CA ARG B 489 1.06 -23.91 11.72
C ARG B 489 1.76 -25.22 12.03
N TRP B 490 3.03 -25.14 12.38
CA TRP B 490 3.85 -26.30 12.66
C TRP B 490 4.32 -26.29 14.10
N LEU B 491 4.50 -27.46 14.67
CA LEU B 491 4.90 -27.62 16.06
C LEU B 491 6.30 -28.21 16.13
N THR B 492 7.12 -27.68 17.04
CA THR B 492 8.48 -28.17 17.21
C THR B 492 8.44 -29.58 17.75
N LEU B 493 8.73 -30.55 16.89
CA LEU B 493 8.56 -31.96 17.24
C LEU B 493 9.79 -32.48 17.96
N PRO B 494 9.64 -33.05 19.16
CA PRO B 494 10.73 -33.84 19.74
C PRO B 494 11.07 -35.02 18.84
N LEU B 495 12.36 -35.35 18.80
CA LEU B 495 12.86 -36.29 17.80
C LEU B 495 12.26 -37.68 17.97
N GLU B 496 12.14 -38.15 19.21
CA GLU B 496 11.58 -39.48 19.44
C GLU B 496 10.12 -39.56 18.98
N ILE B 497 9.33 -38.56 19.34
CA ILE B 497 7.95 -38.49 18.87
C ILE B 497 7.93 -38.34 17.36
N LYS B 498 8.93 -37.64 16.80
CA LYS B 498 8.99 -37.47 15.35
C LYS B 498 9.16 -38.81 14.65
N MET B 499 10.09 -39.64 15.12
CA MET B 499 10.25 -40.93 14.46
C MET B 499 9.08 -41.86 14.75
N GLU B 500 8.45 -41.73 15.92
CA GLU B 500 7.24 -42.51 16.18
C GLU B 500 6.14 -42.15 15.18
N LEU B 501 5.98 -40.85 14.91
CA LEU B 501 4.99 -40.39 13.95
C LEU B 501 5.33 -40.87 12.54
N ASP B 502 6.62 -40.80 12.17
CA ASP B 502 7.02 -41.27 10.86
C ASP B 502 6.74 -42.76 10.70
N MET B 503 7.03 -43.54 11.75
CA MET B 503 6.74 -44.97 11.72
C MET B 503 5.25 -45.22 11.57
N ALA B 504 4.43 -44.49 12.32
CA ALA B 504 2.98 -44.64 12.25
C ALA B 504 2.47 -44.30 10.85
N LEU B 505 2.97 -43.21 10.28
CA LEU B 505 2.52 -42.80 8.95
C LEU B 505 2.95 -43.80 7.88
N SER B 506 4.16 -44.35 8.00
CA SER B 506 4.60 -45.38 7.07
C SER B 506 3.74 -46.62 7.19
N ASP B 507 3.38 -47.00 8.42
CA ASP B 507 2.47 -48.13 8.60
C ASP B 507 1.12 -47.83 7.95
N LEU B 508 0.64 -46.60 8.09
CA LEU B 508 -0.62 -46.21 7.47
C LEU B 508 -0.54 -46.34 5.95
N GLU B 509 0.58 -45.91 5.37
CA GLU B 509 0.75 -46.04 3.93
C GLU B 509 0.78 -47.51 3.51
N ALA B 510 1.43 -48.35 4.31
CA ALA B 510 1.49 -49.77 4.03
C ALA B 510 0.13 -50.43 4.28
N TYR B 527 -6.95 -48.31 -4.13
CA TYR B 527 -6.48 -46.99 -4.52
C TYR B 527 -4.97 -46.86 -4.38
N THR B 528 -4.49 -45.63 -4.20
CA THR B 528 -3.06 -45.37 -4.08
C THR B 528 -2.86 -44.14 -3.21
N ILE B 529 -2.17 -44.30 -2.09
CA ILE B 529 -1.90 -43.18 -1.20
C ILE B 529 -0.74 -42.38 -1.77
N LEU B 530 -0.95 -41.06 -1.92
CA LEU B 530 0.08 -40.17 -2.42
C LEU B 530 0.72 -39.34 -1.32
N GLY B 531 0.58 -39.75 -0.06
CA GLY B 531 1.14 -39.04 1.06
C GLY B 531 0.08 -38.79 2.10
N SER B 532 0.44 -37.98 3.11
CA SER B 532 -0.49 -37.69 4.19
C SER B 532 0.04 -36.48 4.97
N SER B 533 -0.76 -36.06 5.95
CA SER B 533 -0.38 -34.96 6.83
C SER B 533 -1.22 -35.06 8.09
N LEU B 534 -0.58 -35.39 9.21
CA LEU B 534 -1.26 -35.56 10.48
C LEU B 534 -1.15 -34.29 11.30
N PHE B 535 -2.28 -33.80 11.80
CA PHE B 535 -2.36 -32.62 12.64
C PHE B 535 -2.75 -33.01 14.05
N TYR B 536 -2.24 -32.26 15.03
CA TYR B 536 -2.62 -32.43 16.43
C TYR B 536 -3.06 -31.08 16.97
N LYS B 537 -4.30 -31.04 17.51
CA LYS B 537 -4.85 -29.83 18.11
C LYS B 537 -4.79 -28.64 17.17
N GLY B 538 -4.82 -28.89 15.86
CA GLY B 538 -4.66 -27.85 14.87
C GLY B 538 -3.24 -27.56 14.46
N TYR B 539 -2.26 -28.18 15.10
CA TYR B 539 -0.86 -28.03 14.75
C TYR B 539 -0.45 -29.15 13.81
N LEU B 540 0.24 -28.81 12.74
CA LEU B 540 0.72 -29.81 11.79
C LEU B 540 1.83 -30.61 12.47
N ILE B 541 1.48 -31.78 13.01
CA ILE B 541 2.44 -32.57 13.77
C ILE B 541 3.31 -33.46 12.89
N CYS B 542 2.89 -33.74 11.67
CA CYS B 542 3.74 -34.46 10.72
C CYS B 542 3.20 -34.25 9.32
N SER B 543 4.09 -34.24 8.34
CA SER B 543 3.69 -33.99 6.97
C SER B 543 4.57 -34.79 6.02
N HIS B 544 4.00 -35.83 5.42
CA HIS B 544 4.65 -36.55 4.33
C HIS B 544 4.12 -36.11 2.97
N LEU B 545 3.18 -35.18 2.94
CA LEU B 545 2.58 -34.72 1.70
C LEU B 545 3.48 -33.71 0.99
N PRO B 546 3.40 -33.64 -0.35
CA PRO B 546 4.09 -32.57 -1.06
C PRO B 546 3.56 -31.21 -0.61
N LYS B 547 4.45 -30.20 -0.69
CA LYS B 547 4.14 -28.90 -0.10
C LYS B 547 2.90 -28.27 -0.74
N ASP B 548 2.79 -28.32 -2.06
CA ASP B 548 1.65 -27.69 -2.73
C ASP B 548 0.35 -28.40 -2.34
N ASP B 549 0.35 -29.73 -2.36
CA ASP B 549 -0.84 -30.48 -2.00
C ASP B 549 -1.20 -30.27 -0.54
N LEU B 550 -0.20 -30.26 0.34
CA LEU B 550 -0.46 -30.03 1.75
C LEU B 550 -1.06 -28.65 1.98
N ILE B 551 -0.53 -27.63 1.30
CA ILE B 551 -1.07 -26.29 1.43
C ILE B 551 -2.51 -26.25 0.92
N ASP B 552 -2.78 -26.91 -0.21
CA ASP B 552 -4.13 -26.92 -0.74
C ASP B 552 -5.10 -27.55 0.24
N ILE B 553 -4.74 -28.71 0.79
CA ILE B 553 -5.62 -29.39 1.73
C ILE B 553 -5.81 -28.56 2.99
N ALA B 554 -4.73 -27.96 3.49
CA ALA B 554 -4.83 -27.17 4.71
C ALA B 554 -5.71 -25.94 4.52
N VAL B 555 -5.58 -25.25 3.40
CA VAL B 555 -6.44 -24.07 3.18
C VAL B 555 -7.87 -24.50 2.92
N TYR B 556 -8.07 -25.67 2.30
CA TYR B 556 -9.44 -26.17 2.16
C TYR B 556 -10.06 -26.41 3.53
N CYS B 557 -9.30 -27.01 4.45
CA CYS B 557 -9.81 -27.19 5.80
C CYS B 557 -10.02 -25.85 6.51
N ARG B 558 -9.13 -24.90 6.29
CA ARG B 558 -9.23 -23.60 6.94
C ARG B 558 -10.47 -22.85 6.48
N HIS B 559 -10.83 -22.97 5.21
CA HIS B 559 -12.06 -22.35 4.73
C HIS B 559 -13.28 -22.93 5.41
N TYR B 560 -13.18 -24.13 5.97
CA TYR B 560 -14.20 -24.71 6.82
C TYR B 560 -13.74 -24.61 8.27
N CYS B 561 -14.51 -25.20 9.18
CA CYS B 561 -14.16 -25.21 10.59
C CYS B 561 -13.49 -26.52 11.01
N LEU B 562 -12.92 -27.26 10.06
CA LEU B 562 -12.34 -28.56 10.37
C LEU B 562 -11.12 -28.41 11.28
N LEU B 563 -10.21 -27.51 10.94
CA LEU B 563 -8.99 -27.36 11.72
C LEU B 563 -9.30 -26.65 13.03
N PRO B 564 -9.09 -27.29 14.17
CA PRO B 564 -9.32 -26.61 15.45
C PRO B 564 -8.08 -25.88 15.92
N LEU B 565 -8.15 -25.25 17.09
CA LEU B 565 -6.99 -24.59 17.67
C LEU B 565 -7.32 -24.39 19.15
N ALA B 566 -6.28 -24.09 19.94
CA ALA B 566 -6.41 -23.85 21.38
C ALA B 566 -6.95 -25.09 22.09
N ALA B 567 -6.64 -26.27 21.57
CA ALA B 567 -7.03 -27.55 22.18
C ALA B 567 -8.54 -27.61 22.39
N LYS B 568 -9.27 -27.54 21.28
CA LYS B 568 -10.73 -27.59 21.34
C LYS B 568 -11.18 -28.99 21.76
N GLN B 569 -12.50 -29.14 21.87
CA GLN B 569 -13.08 -30.43 22.23
C GLN B 569 -12.68 -31.48 21.20
N ARG B 570 -12.32 -32.67 21.70
CA ARG B 570 -11.76 -33.71 20.84
C ARG B 570 -12.72 -34.05 19.71
N ILE B 571 -12.21 -34.00 18.48
CA ILE B 571 -13.04 -34.24 17.30
C ILE B 571 -13.60 -35.65 17.36
N GLY B 572 -14.93 -35.76 17.27
CA GLY B 572 -15.57 -37.04 17.49
C GLY B 572 -15.37 -38.07 16.39
N GLN B 573 -15.98 -37.87 15.22
CA GLN B 573 -15.87 -38.84 14.15
C GLN B 573 -15.87 -38.22 12.76
N LEU B 574 -15.50 -36.94 12.63
CA LEU B 574 -15.66 -36.28 11.35
C LEU B 574 -14.73 -36.91 10.30
N ILE B 575 -15.34 -37.59 9.34
CA ILE B 575 -14.63 -38.24 8.25
C ILE B 575 -15.15 -37.65 6.94
N ILE B 576 -14.26 -37.05 6.17
CA ILE B 576 -14.61 -36.47 4.88
C ILE B 576 -13.93 -37.26 3.78
N TRP B 577 -14.68 -37.56 2.73
CA TRP B 577 -14.24 -38.42 1.63
C TRP B 577 -14.75 -37.76 0.35
N ARG B 578 -13.94 -36.88 -0.24
CA ARG B 578 -14.41 -36.04 -1.32
C ARG B 578 -13.47 -36.13 -2.52
N GLU B 579 -13.95 -35.69 -3.67
CA GLU B 579 -13.09 -35.58 -4.84
C GLU B 579 -12.38 -34.24 -4.85
N VAL B 580 -11.14 -34.23 -5.36
CA VAL B 580 -10.32 -33.04 -5.41
C VAL B 580 -9.51 -33.04 -6.71
N PHE B 581 -8.89 -31.90 -6.99
CA PHE B 581 -8.08 -31.71 -8.20
C PHE B 581 -6.88 -30.85 -7.86
N PRO B 582 -5.84 -31.43 -7.25
CA PRO B 582 -4.69 -30.64 -6.79
C PRO B 582 -3.65 -30.40 -7.88
N GLN B 583 -4.08 -29.76 -8.97
CA GLN B 583 -3.23 -29.29 -10.07
C GLN B 583 -2.16 -30.29 -10.50
N HIS B 584 -2.48 -31.58 -10.47
CA HIS B 584 -1.52 -32.60 -10.90
C HIS B 584 -2.03 -33.30 -12.16
N GLY B 602 -5.37 -38.69 -12.93
CA GLY B 602 -6.73 -39.16 -13.09
C GLY B 602 -7.69 -38.60 -12.05
N ARG B 603 -8.35 -39.48 -11.32
CA ARG B 603 -9.28 -39.09 -10.28
C ARG B 603 -8.59 -39.10 -8.92
N TYR B 604 -8.77 -38.04 -8.16
CA TYR B 604 -8.09 -37.86 -6.88
C TYR B 604 -9.11 -37.63 -5.78
N PHE B 605 -8.89 -38.29 -4.64
CA PHE B 605 -9.79 -38.21 -3.50
C PHE B 605 -9.04 -37.72 -2.27
N LEU B 606 -9.65 -36.80 -1.55
CA LEU B 606 -9.15 -36.38 -0.24
C LEU B 606 -9.93 -37.14 0.82
N LEU B 607 -9.21 -37.85 1.68
CA LEU B 607 -9.75 -38.48 2.86
C LEU B 607 -9.23 -37.73 4.08
N VAL B 608 -10.07 -37.58 5.09
CA VAL B 608 -9.61 -36.98 6.34
C VAL B 608 -10.44 -37.54 7.49
N VAL B 609 -9.75 -38.03 8.51
CA VAL B 609 -10.38 -38.57 9.71
C VAL B 609 -9.95 -37.72 10.89
N GLY B 610 -10.93 -37.23 11.65
CA GLY B 610 -10.62 -36.52 12.88
C GLY B 610 -11.09 -37.29 14.08
N LEU B 611 -10.14 -37.86 14.82
CA LEU B 611 -10.45 -38.61 16.03
C LEU B 611 -9.61 -38.06 17.17
N LYS B 612 -10.27 -37.79 18.29
CA LYS B 612 -9.63 -37.15 19.46
C LYS B 612 -9.08 -35.82 18.96
N HIS B 613 -7.83 -35.46 19.26
CA HIS B 613 -7.24 -34.24 18.74
C HIS B 613 -6.58 -34.44 17.38
N TYR B 614 -6.57 -35.66 16.86
CA TYR B 614 -5.91 -35.95 15.59
C TYR B 614 -6.81 -35.58 14.42
N MET B 615 -6.21 -34.94 13.42
CA MET B 615 -6.85 -34.39 12.23
C MET B 615 -6.20 -34.96 10.98
N LEU B 616 -6.07 -36.29 10.93
CA LEU B 616 -5.23 -36.90 9.91
C LEU B 616 -5.88 -36.80 8.54
N CYS B 617 -5.05 -36.61 7.51
CA CYS B 617 -5.51 -36.48 6.14
C CYS B 617 -4.66 -37.34 5.21
N VAL B 618 -5.29 -37.81 4.14
CA VAL B 618 -4.63 -38.62 3.12
C VAL B 618 -5.13 -38.18 1.75
N LEU B 619 -4.26 -38.31 0.75
CA LEU B 619 -4.61 -38.13 -0.65
C LEU B 619 -4.53 -39.47 -1.36
N LEU B 620 -5.57 -39.82 -2.11
CA LEU B 620 -5.68 -41.10 -2.76
C LEU B 620 -5.91 -40.92 -4.25
N GLU B 621 -5.42 -41.86 -5.05
CA GLU B 621 -5.57 -41.83 -6.49
C GLU B 621 -6.33 -43.06 -6.96
N ALA B 622 -7.11 -42.90 -8.02
CA ALA B 622 -7.90 -44.01 -8.56
C ALA B 622 -7.12 -44.78 -9.62
N VAL B 638 -13.20 -48.38 2.63
CA VAL B 638 -12.62 -49.40 3.49
C VAL B 638 -11.31 -48.91 4.10
N TYR B 639 -10.71 -47.91 3.46
CA TYR B 639 -9.49 -47.31 4.00
C TYR B 639 -9.74 -46.61 5.33
N VAL B 640 -10.98 -46.19 5.58
CA VAL B 640 -11.30 -45.56 6.86
C VAL B 640 -11.02 -46.52 8.01
N ASP B 641 -11.33 -47.80 7.81
CA ASP B 641 -11.09 -48.79 8.85
C ASP B 641 -9.60 -48.90 9.18
N GLN B 642 -8.75 -48.97 8.14
CA GLN B 642 -7.33 -49.15 8.39
C GLN B 642 -6.71 -47.89 8.98
N VAL B 643 -7.15 -46.71 8.54
CA VAL B 643 -6.60 -45.49 9.14
C VAL B 643 -7.08 -45.35 10.58
N LYS B 644 -8.31 -45.78 10.88
CA LYS B 644 -8.78 -45.76 12.25
C LYS B 644 -7.95 -46.70 13.13
N THR B 645 -7.66 -47.89 12.62
CA THR B 645 -6.79 -48.80 13.37
C THR B 645 -5.40 -48.19 13.56
N THR B 646 -4.89 -47.50 12.54
CA THR B 646 -3.58 -46.86 12.65
C THR B 646 -3.56 -45.81 13.75
N LEU B 647 -4.60 -44.97 13.82
CA LEU B 647 -4.60 -43.92 14.83
C LEU B 647 -4.97 -44.46 16.21
N HIS B 648 -5.61 -45.63 16.26
CA HIS B 648 -5.97 -46.21 17.55
C HIS B 648 -4.73 -46.55 18.37
N GLN B 649 -3.71 -47.12 17.73
CA GLN B 649 -2.47 -47.42 18.43
C GLN B 649 -1.70 -46.17 18.81
N LEU B 650 -2.10 -45.01 18.30
CA LEU B 650 -1.47 -43.74 18.67
C LEU B 650 -2.14 -43.15 19.91
N ASP B 651 -2.27 -43.97 20.95
CA ASP B 651 -2.95 -43.55 22.17
C ASP B 651 -1.98 -43.03 23.23
N GLY B 652 -0.68 -43.15 23.01
CA GLY B 652 0.30 -42.68 23.97
C GLY B 652 1.05 -41.47 23.48
N VAL B 653 1.06 -41.26 22.16
CA VAL B 653 1.78 -40.14 21.59
C VAL B 653 1.17 -38.81 22.02
N ASP B 654 -0.15 -38.75 22.13
CA ASP B 654 -0.80 -37.53 22.62
C ASP B 654 -0.35 -37.19 24.03
N SER B 655 -0.20 -38.22 24.88
CA SER B 655 0.32 -37.97 26.22
C SER B 655 1.74 -37.43 26.17
N ARG B 656 2.57 -37.98 25.29
CA ARG B 656 3.95 -37.52 25.19
C ARG B 656 4.03 -36.10 24.64
N ILE B 657 3.03 -35.69 23.84
CA ILE B 657 3.06 -34.35 23.26
C ILE B 657 2.35 -33.32 24.13
N ASP B 658 1.53 -33.76 25.08
CA ASP B 658 0.78 -32.81 25.90
C ASP B 658 1.71 -31.92 26.72
N GLU B 659 2.63 -32.52 27.47
CA GLU B 659 3.53 -31.70 28.29
C GLU B 659 4.55 -30.96 27.43
N ARG B 660 4.91 -31.51 26.29
CA ARG B 660 5.78 -30.78 25.37
C ARG B 660 5.11 -29.50 24.90
N LEU B 661 3.83 -29.58 24.56
CA LEU B 661 3.06 -28.37 24.26
C LEU B 661 2.99 -27.46 25.48
N ALA B 662 2.79 -28.04 26.66
CA ALA B 662 2.76 -27.24 27.88
C ALA B 662 4.11 -26.60 28.16
N SER B 663 5.19 -27.34 27.99
CA SER B 663 6.53 -26.83 28.26
C SER B 663 7.03 -25.93 27.13
N THR B 813 15.35 -11.24 24.12
CA THR B 813 14.03 -11.48 24.69
C THR B 813 12.96 -11.46 23.61
N LEU B 814 12.91 -12.53 22.81
CA LEU B 814 11.97 -12.63 21.71
C LEU B 814 10.56 -12.89 22.23
N PHE B 815 9.79 -11.81 22.43
CA PHE B 815 8.44 -11.95 22.95
C PHE B 815 7.49 -12.63 21.96
N HIS B 816 7.84 -12.66 20.68
CA HIS B 816 6.98 -13.29 19.69
C HIS B 816 7.73 -13.51 18.37
N TYR B 817 7.65 -14.72 17.84
CA TYR B 817 8.29 -15.04 16.57
C TYR B 817 7.29 -15.71 15.65
N VAL B 818 7.35 -15.37 14.37
CA VAL B 818 6.46 -15.95 13.36
C VAL B 818 7.36 -16.59 12.32
N ALA B 819 8.48 -17.17 12.77
CA ALA B 819 9.42 -17.84 11.89
C ALA B 819 8.70 -18.72 10.89
N LEU B 820 9.06 -18.58 9.61
CA LEU B 820 8.37 -19.24 8.53
C LEU B 820 9.37 -20.02 7.68
N GLU B 821 8.85 -21.00 6.93
CA GLU B 821 9.64 -21.77 5.97
C GLU B 821 8.76 -21.98 4.74
N THR B 822 8.89 -21.09 3.76
CA THR B 822 8.01 -21.15 2.59
C THR B 822 8.32 -22.37 1.73
N VAL B 823 9.59 -22.74 1.60
CA VAL B 823 9.94 -23.90 0.76
C VAL B 823 9.35 -25.17 1.36
N GLN B 824 9.42 -25.32 2.67
CA GLN B 824 8.78 -26.44 3.34
C GLN B 824 7.27 -26.26 3.46
N GLY B 825 6.80 -25.02 3.47
CA GLY B 825 5.38 -24.78 3.60
C GLY B 825 4.86 -24.80 5.02
N ILE B 826 5.71 -24.53 6.01
CA ILE B 826 5.31 -24.52 7.41
C ILE B 826 5.92 -23.31 8.09
N PHE B 827 5.37 -22.98 9.26
CA PHE B 827 5.89 -21.88 10.07
C PHE B 827 5.72 -22.23 11.54
N ILE B 828 6.52 -21.58 12.38
CA ILE B 828 6.55 -21.86 13.81
C ILE B 828 6.29 -20.57 14.57
N THR B 829 5.35 -20.63 15.50
CA THR B 829 5.01 -19.52 16.37
C THR B 829 4.75 -20.05 17.77
N PRO B 830 4.96 -19.25 18.81
CA PRO B 830 4.74 -19.75 20.17
C PRO B 830 3.32 -20.24 20.38
N THR B 831 3.20 -21.33 21.14
CA THR B 831 1.90 -21.92 21.41
C THR B 831 1.08 -21.03 22.33
N LEU B 832 -0.23 -21.29 22.36
CA LEU B 832 -1.13 -20.46 23.15
C LEU B 832 -0.85 -20.59 24.64
N GLU B 833 -0.39 -21.76 25.07
CA GLU B 833 0.05 -21.89 26.46
C GLU B 833 1.24 -20.99 26.73
N GLU B 834 2.15 -20.87 25.77
CA GLU B 834 3.30 -19.97 25.93
C GLU B 834 2.86 -18.53 26.06
N VAL B 835 1.94 -18.08 25.19
CA VAL B 835 1.50 -16.69 25.25
C VAL B 835 0.67 -16.44 26.50
N ALA B 836 -0.04 -17.46 27.00
CA ALA B 836 -0.69 -17.34 28.30
C ALA B 836 0.32 -17.17 29.41
N GLN B 837 1.40 -17.95 29.37
CA GLN B 837 2.51 -17.72 30.29
C GLN B 837 3.18 -16.38 30.03
N LEU B 838 3.29 -15.98 28.77
CA LEU B 838 3.89 -14.71 28.40
C LEU B 838 2.93 -13.55 28.51
N SER B 839 1.69 -13.79 28.93
CA SER B 839 0.73 -12.70 29.09
C SER B 839 1.24 -11.69 30.12
N GLY B 840 1.20 -10.41 29.75
CA GLY B 840 1.72 -9.35 30.56
C GLY B 840 0.72 -8.21 30.70
N SER B 841 1.26 -7.01 30.89
CA SER B 841 0.42 -5.84 31.11
C SER B 841 -0.41 -5.51 29.87
N ILE B 842 0.22 -5.48 28.69
CA ILE B 842 -0.47 -5.01 27.49
C ILE B 842 -0.22 -6.06 26.40
N HIS B 843 0.26 -7.24 26.81
CA HIS B 843 0.50 -8.31 25.86
C HIS B 843 -0.73 -8.67 25.02
N PRO B 844 -1.95 -8.74 25.55
CA PRO B 844 -3.11 -8.99 24.67
C PRO B 844 -3.24 -7.97 23.56
N GLN B 845 -2.93 -6.70 23.83
CA GLN B 845 -2.86 -5.71 22.77
C GLN B 845 -1.58 -5.83 21.95
N LEU B 846 -0.50 -6.27 22.58
CA LEU B 846 0.77 -6.41 21.88
C LEU B 846 0.67 -7.40 20.74
N ILE B 847 0.01 -8.55 20.98
CA ILE B 847 -0.05 -9.59 19.97
C ILE B 847 -0.89 -9.13 18.77
N LYS B 848 -2.02 -8.49 19.02
CA LYS B 848 -2.84 -8.02 17.90
C LYS B 848 -2.16 -6.89 17.16
N ASN B 849 -1.40 -6.04 17.85
CA ASN B 849 -0.64 -5.02 17.15
C ASN B 849 0.42 -5.66 16.26
N PHE B 850 1.12 -6.67 16.79
CA PHE B 850 2.00 -7.50 15.97
C PHE B 850 1.30 -7.99 14.73
N HIS B 851 0.12 -8.57 14.90
CA HIS B 851 -0.51 -9.27 13.79
C HIS B 851 -1.14 -8.32 12.79
N GLN B 852 -1.39 -7.05 13.16
CA GLN B 852 -1.86 -6.16 12.11
C GLN B 852 -0.70 -5.47 11.40
N CYS B 853 0.45 -5.30 12.08
CA CYS B 853 1.62 -4.76 11.41
C CYS B 853 2.28 -5.80 10.51
N CYS B 854 2.17 -7.08 10.88
CA CYS B 854 2.71 -8.12 10.04
C CYS B 854 2.06 -8.15 8.68
N LEU B 855 0.82 -7.67 8.58
CA LEU B 855 0.18 -7.60 7.27
C LEU B 855 0.89 -6.61 6.35
N SER B 856 1.26 -5.43 6.88
CA SER B 856 1.98 -4.46 6.06
C SER B 856 3.38 -4.98 5.72
N ILE B 857 4.04 -5.62 6.68
CA ILE B 857 5.34 -6.20 6.40
C ILE B 857 5.23 -7.26 5.31
N ARG B 858 4.19 -8.08 5.38
CA ARG B 858 3.94 -9.07 4.36
C ARG B 858 3.63 -8.41 3.02
N ALA B 859 2.96 -7.25 3.04
CA ALA B 859 2.64 -6.58 1.78
C ALA B 859 3.92 -6.13 1.06
N VAL B 860 4.82 -5.46 1.80
CA VAL B 860 6.06 -5.04 1.15
C VAL B 860 6.90 -6.25 0.74
N PHE B 861 6.99 -7.26 1.61
CA PHE B 861 7.69 -8.48 1.24
C PHE B 861 7.02 -9.17 0.06
N GLN B 862 5.72 -8.96 -0.13
CA GLN B 862 4.97 -9.58 -1.20
C GLN B 862 5.34 -8.91 -2.51
N GLN B 863 5.48 -7.59 -2.49
CA GLN B 863 6.05 -6.89 -3.64
C GLN B 863 7.44 -7.44 -3.98
N THR B 864 8.28 -7.62 -2.96
CA THR B 864 9.60 -8.18 -3.20
C THR B 864 9.52 -9.60 -3.75
N LEU B 865 8.53 -10.37 -3.30
CA LEU B 865 8.36 -11.74 -3.79
C LEU B 865 7.91 -11.75 -5.24
N VAL B 866 7.05 -10.81 -5.63
CA VAL B 866 6.71 -10.66 -7.04
C VAL B 866 7.97 -10.37 -7.85
N GLU B 867 8.81 -9.47 -7.35
CA GLU B 867 10.05 -9.16 -8.05
C GLU B 867 10.94 -10.41 -8.15
N GLU B 868 10.99 -11.21 -7.10
CA GLU B 868 11.83 -12.42 -7.11
C GLU B 868 11.30 -13.44 -8.11
N LYS B 869 9.99 -13.73 -8.05
CA LYS B 869 9.41 -14.73 -8.94
C LYS B 869 9.34 -14.24 -10.38
N LYS B 870 9.52 -12.93 -10.61
CA LYS B 870 9.63 -12.45 -11.98
C LYS B 870 10.83 -13.07 -12.68
N LYS B 871 11.96 -13.17 -11.99
CA LYS B 871 13.14 -13.81 -12.55
C LYS B 871 13.00 -15.33 -12.52
N VAL B 891 12.95 -4.14 2.00
CA VAL B 891 12.85 -5.27 1.10
C VAL B 891 13.27 -6.55 1.82
N LYS B 892 14.33 -6.47 2.62
CA LYS B 892 14.89 -7.66 3.24
C LYS B 892 14.99 -7.60 4.76
N GLU B 893 15.05 -6.42 5.36
CA GLU B 893 15.21 -6.29 6.80
C GLU B 893 14.25 -5.21 7.34
N HIS B 894 12.98 -5.31 6.95
CA HIS B 894 12.03 -4.27 7.34
C HIS B 894 11.79 -4.31 8.83
N GLY B 895 11.51 -3.14 9.40
CA GLY B 895 11.18 -3.08 10.82
C GLY B 895 10.46 -1.79 11.15
N VAL B 896 9.70 -1.83 12.23
CA VAL B 896 9.07 -0.65 12.79
C VAL B 896 9.28 -0.67 14.30
N LEU B 897 8.76 0.36 14.97
CA LEU B 897 8.86 0.45 16.41
C LEU B 897 7.57 1.07 16.94
N PHE B 898 7.07 0.54 18.05
CA PHE B 898 5.86 1.04 18.67
C PHE B 898 6.12 1.40 20.13
N GLU B 899 5.19 2.18 20.68
CA GLU B 899 5.23 2.50 22.10
C GLU B 899 3.85 2.50 22.74
N CYS B 900 2.80 2.13 22.00
CA CYS B 900 1.45 2.09 22.54
C CYS B 900 1.30 1.00 23.60
N VAL B 914 4.38 1.77 25.87
CA VAL B 914 5.45 2.18 26.76
C VAL B 914 6.69 1.30 26.54
N MET B 915 6.47 0.05 26.13
CA MET B 915 7.55 -0.85 25.78
C MET B 915 7.88 -0.72 24.29
N ALA B 916 9.16 -0.84 23.97
CA ALA B 916 9.62 -0.75 22.59
C ALA B 916 9.44 -2.11 21.92
N TYR B 917 8.32 -2.29 21.23
CA TYR B 917 8.01 -3.59 20.66
C TYR B 917 9.02 -3.97 19.59
N TRP B 918 9.35 -3.03 18.70
CA TRP B 918 10.40 -3.22 17.70
C TRP B 918 10.14 -4.43 16.82
N VAL B 919 8.88 -4.63 16.42
CA VAL B 919 8.56 -5.77 15.57
C VAL B 919 9.29 -5.62 14.25
N VAL B 920 9.89 -6.71 13.77
CA VAL B 920 10.79 -6.65 12.64
C VAL B 920 10.57 -7.87 11.76
N GLY B 921 10.42 -7.63 10.45
CA GLY B 921 10.31 -8.70 9.49
C GLY B 921 11.57 -8.84 8.65
N ARG B 922 12.18 -10.01 8.70
CA ARG B 922 13.41 -10.30 7.97
C ARG B 922 13.11 -11.35 6.91
N LEU B 923 13.75 -11.20 5.75
CA LEU B 923 13.57 -12.09 4.62
C LEU B 923 14.89 -12.76 4.26
N PHE B 924 14.83 -14.03 3.91
CA PHE B 924 15.99 -14.78 3.44
C PHE B 924 15.67 -15.40 2.09
N LEU B 925 16.52 -15.12 1.10
CA LEU B 925 16.36 -15.61 -0.27
C LEU B 925 17.51 -16.47 -0.74
N HIS B 926 18.76 -16.06 -0.49
CA HIS B 926 19.90 -16.88 -0.89
C HIS B 926 19.90 -18.26 -0.25
N PRO B 927 19.71 -18.41 1.08
CA PRO B 927 19.48 -19.75 1.61
C PRO B 927 18.04 -20.19 1.35
N LYS B 928 17.63 -21.30 1.92
CA LYS B 928 16.23 -21.70 1.88
C LYS B 928 15.35 -20.50 2.26
N PRO B 929 14.54 -19.98 1.35
CA PRO B 929 13.83 -18.72 1.62
C PRO B 929 12.94 -18.85 2.84
N GLN B 930 12.90 -17.77 3.63
CA GLN B 930 12.13 -17.80 4.86
C GLN B 930 11.86 -16.39 5.33
N GLU B 931 10.90 -16.26 6.25
CA GLU B 931 10.54 -14.99 6.84
C GLU B 931 10.58 -15.11 8.35
N LEU B 932 10.98 -14.03 9.02
CA LEU B 932 11.15 -14.03 10.46
C LEU B 932 10.59 -12.75 11.02
N TYR B 933 9.46 -12.84 11.72
CA TYR B 933 8.81 -11.70 12.36
C TYR B 933 9.08 -11.78 13.85
N VAL B 934 9.75 -10.77 14.39
CA VAL B 934 10.29 -10.85 15.74
C VAL B 934 9.84 -9.65 16.56
N CYS B 935 9.80 -9.83 17.88
CA CYS B 935 9.60 -8.77 18.84
C CYS B 935 10.79 -8.74 19.79
N PHE B 936 11.18 -7.54 20.21
CA PHE B 936 12.25 -7.39 21.19
C PHE B 936 12.22 -5.99 21.76
N HIS B 937 12.44 -5.88 23.06
CA HIS B 937 12.55 -4.57 23.69
C HIS B 937 13.81 -3.86 23.21
N ASP B 938 13.78 -2.53 23.30
CA ASP B 938 14.93 -1.74 22.85
C ASP B 938 16.19 -2.05 23.64
N SER B 939 16.06 -2.59 24.86
CA SER B 939 17.23 -2.97 25.63
C SER B 939 18.01 -4.07 24.93
N VAL B 940 17.32 -5.05 24.36
CA VAL B 940 17.98 -6.14 23.65
C VAL B 940 18.30 -5.72 22.22
#